data_7JVW
#
_entry.id   7JVW
#
_cell.length_a   52.980
_cell.length_b   82.750
_cell.length_c   94.520
_cell.angle_alpha   90.000
_cell.angle_beta   98.840
_cell.angle_gamma   90.000
#
_symmetry.space_group_name_H-M   'P 1 21 1'
#
loop_
_entity.id
_entity.type
_entity.pdbx_description
1 polymer 'Histone deacetylase 8'
2 non-polymer 4-(dimethylamino)-N-[7-(hydroxyamino)-7-oxoheptyl]benzamide
3 non-polymer 'ZINC ION'
4 non-polymer 'POTASSIUM ION'
5 water water
#
_entity_poly.entity_id   1
_entity_poly.type   'polypeptide(L)'
_entity_poly.pdbx_seq_one_letter_code
;MEEPEEPADSGQSLVPVYIYSPEYVSMCDSLAKIPKRASMVHSLIEAYALHKQMRIVKPKVASMEEMATFHTDAYLQHLQ
KVSQEGDDDHPDSIEYGLGYDCPATEGIFDYAAAIGGATITAAQCLIDGMCKVAINWSGGWHHAKKDEASGFCYLNDAVL
GILRLRRKFERILYVDLDLHHGDGVEDAFSFTSKVMTVSLHKFSPGFFPGTGDVSDVGLGKGRYYSVNVPIQDGIQDEKY
YQICESVLKEVYQAFNPKAVVLQLGADTIAGDPMCSFNMTPVGIGKCLKYILQWQLATLILGGGGYNLANTARCWTYLTR
VILGKTLSSEIPDHEFFTAYGPDYVLEITPSCRPDRNEPHRIQQILNYIKGNLKHVVIEGRGSHHHHHH
;
_entity_poly.pdbx_strand_id   A,B
#
loop_
_chem_comp.id
_chem_comp.type
_chem_comp.name
_chem_comp.formula
B3N non-polymer 4-(dimethylamino)-N-[7-(hydroxyamino)-7-oxoheptyl]benzamide 'C16 H25 N3 O3'
K non-polymer 'POTASSIUM ION' 'K 1'
ZN non-polymer 'ZINC ION' 'Zn 2'
#
# COMPACT_ATOMS: atom_id res chain seq x y z
N LEU A 14 29.91 -10.72 -24.76
CA LEU A 14 29.32 -9.71 -23.88
C LEU A 14 27.86 -9.41 -24.24
N VAL A 15 27.11 -10.47 -24.52
CA VAL A 15 25.66 -10.34 -24.66
C VAL A 15 25.08 -10.46 -23.24
N PRO A 16 23.99 -9.76 -22.94
CA PRO A 16 23.46 -9.77 -21.57
C PRO A 16 22.82 -11.09 -21.17
N VAL A 17 23.02 -11.46 -19.92
CA VAL A 17 22.35 -12.61 -19.33
C VAL A 17 20.98 -12.19 -18.80
N TYR A 18 19.94 -12.90 -19.23
CA TYR A 18 18.57 -12.73 -18.75
C TYR A 18 18.26 -13.95 -17.89
N ILE A 19 18.07 -13.76 -16.59
CA ILE A 19 17.74 -14.87 -15.71
C ILE A 19 16.26 -15.17 -15.88
N TYR A 20 15.95 -16.32 -16.47
CA TYR A 20 14.57 -16.68 -16.73
C TYR A 20 14.45 -18.20 -16.85
N SER A 21 13.31 -18.70 -16.42
CA SER A 21 12.84 -20.05 -16.70
C SER A 21 11.36 -20.05 -16.43
N PRO A 22 10.57 -20.81 -17.19
CA PRO A 22 9.11 -20.79 -16.98
C PRO A 22 8.69 -21.24 -15.58
N GLU A 23 9.46 -22.13 -14.94
CA GLU A 23 9.12 -22.52 -13.58
C GLU A 23 9.40 -21.38 -12.60
N TYR A 24 10.41 -20.56 -12.90
CA TYR A 24 10.75 -19.45 -12.03
C TYR A 24 9.75 -18.32 -12.15
N VAL A 25 9.35 -17.95 -13.37
CA VAL A 25 8.28 -16.96 -13.52
C VAL A 25 6.99 -17.48 -12.91
N SER A 26 6.69 -18.75 -13.12
CA SER A 26 5.50 -19.35 -12.53
C SER A 26 5.56 -19.29 -11.02
N MET A 27 6.72 -19.54 -10.45
CA MET A 27 6.89 -19.48 -9.00
C MET A 27 6.71 -18.06 -8.48
N CYS A 28 7.30 -17.08 -9.18
CA CYS A 28 7.18 -15.68 -8.77
C CYS A 28 5.79 -15.12 -9.03
N ASP A 29 5.19 -15.45 -10.18
CA ASP A 29 3.90 -14.83 -10.48
C ASP A 29 2.87 -15.16 -9.39
N SER A 30 3.21 -16.05 -8.47
CA SER A 30 2.36 -16.39 -7.34
C SER A 30 2.80 -15.73 -6.04
N LEU A 31 3.68 -14.73 -6.11
CA LEU A 31 4.03 -13.97 -4.92
C LEU A 31 2.88 -13.03 -4.61
N ALA A 32 2.35 -13.12 -3.39
CA ALA A 32 0.97 -12.70 -3.12
C ALA A 32 0.75 -11.20 -3.29
N LYS A 33 1.79 -10.41 -3.14
CA LYS A 33 1.65 -8.96 -3.25
C LYS A 33 1.86 -8.44 -4.68
N ILE A 34 2.28 -9.29 -5.61
CA ILE A 34 2.50 -8.87 -7.00
C ILE A 34 1.95 -9.93 -7.96
N PRO A 35 0.65 -10.23 -7.94
CA PRO A 35 0.12 -11.36 -8.72
C PRO A 35 0.34 -11.22 -10.23
N LYS A 36 1.06 -12.20 -10.79
CA LYS A 36 1.36 -12.30 -12.22
C LYS A 36 2.22 -11.15 -12.73
N ARG A 37 2.96 -10.47 -11.85
CA ARG A 37 3.90 -9.44 -12.31
C ARG A 37 5.07 -10.05 -13.06
N ALA A 38 5.62 -11.15 -12.54
CA ALA A 38 6.72 -11.82 -13.23
C ALA A 38 6.33 -12.15 -14.68
N SER A 39 5.17 -12.80 -14.86
CA SER A 39 4.73 -13.16 -16.21
C SER A 39 4.38 -11.92 -17.06
N MET A 40 3.81 -10.88 -16.45
CA MET A 40 3.55 -9.68 -17.24
C MET A 40 4.86 -9.07 -17.74
N VAL A 41 5.88 -9.03 -16.88
CA VAL A 41 7.18 -8.48 -17.26
C VAL A 41 7.82 -9.30 -18.38
N HIS A 42 7.96 -10.62 -18.17
CA HIS A 42 8.60 -11.46 -19.18
C HIS A 42 7.82 -11.46 -20.50
N SER A 43 6.48 -11.61 -20.41
CA SER A 43 5.68 -11.61 -21.63
C SER A 43 5.87 -10.32 -22.41
N LEU A 44 5.78 -9.17 -21.74
CA LEU A 44 6.05 -7.93 -22.45
C LEU A 44 7.43 -7.96 -23.07
N ILE A 45 8.44 -8.44 -22.33
CA ILE A 45 9.81 -8.45 -22.82
C ILE A 45 9.91 -9.35 -24.05
N GLU A 46 9.22 -10.50 -24.01
CA GLU A 46 9.28 -11.48 -25.09
C GLU A 46 8.41 -11.08 -26.27
N ALA A 47 7.24 -10.50 -26.02
CA ALA A 47 6.43 -9.99 -27.13
C ALA A 47 7.21 -8.99 -27.98
N TYR A 48 8.12 -8.25 -27.36
CA TYR A 48 9.02 -7.36 -28.09
C TYR A 48 10.24 -8.08 -28.61
N ALA A 49 10.33 -9.40 -28.41
CA ALA A 49 11.45 -10.23 -28.84
C ALA A 49 12.78 -9.83 -28.21
N LEU A 50 12.76 -9.13 -27.07
CA LEU A 50 14.03 -8.70 -26.48
C LEU A 50 14.84 -9.88 -25.98
N HIS A 51 14.18 -11.00 -25.69
CA HIS A 51 14.86 -12.18 -25.18
C HIS A 51 15.75 -12.83 -26.22
N LYS A 52 15.56 -12.49 -27.49
CA LYS A 52 16.39 -13.04 -28.55
C LYS A 52 17.71 -12.31 -28.70
N GLN A 53 17.89 -11.20 -28.00
CA GLN A 53 19.17 -10.51 -27.97
C GLN A 53 19.91 -10.77 -26.66
N MET A 54 19.56 -11.83 -25.95
CA MET A 54 20.14 -12.09 -24.65
C MET A 54 20.42 -13.58 -24.53
N ARG A 55 21.41 -13.90 -23.70
CA ARG A 55 21.72 -15.27 -23.32
C ARG A 55 20.84 -15.61 -22.12
N ILE A 56 19.93 -16.55 -22.29
CA ILE A 56 18.97 -16.90 -21.24
C ILE A 56 19.57 -17.99 -20.35
N VAL A 57 19.65 -17.72 -19.05
CA VAL A 57 20.22 -18.64 -18.08
C VAL A 57 19.15 -19.02 -17.06
N LYS A 58 18.95 -20.34 -16.88
CA LYS A 58 18.01 -20.77 -15.85
C LYS A 58 18.62 -20.54 -14.47
N PRO A 59 17.82 -20.11 -13.50
CA PRO A 59 18.37 -19.86 -12.17
C PRO A 59 18.47 -21.13 -11.36
N LYS A 60 19.55 -21.24 -10.58
CA LYS A 60 19.62 -22.23 -9.53
C LYS A 60 18.80 -21.76 -8.33
N VAL A 61 18.44 -22.69 -7.48
CA VAL A 61 17.80 -22.37 -6.21
C VAL A 61 18.88 -22.19 -5.16
N ALA A 62 18.70 -21.21 -4.27
CA ALA A 62 19.77 -20.87 -3.33
C ALA A 62 19.98 -22.01 -2.33
N SER A 63 21.22 -22.49 -2.26
CA SER A 63 21.59 -23.49 -1.26
C SER A 63 21.51 -22.89 0.12
N MET A 64 21.31 -23.75 1.10
CA MET A 64 21.20 -23.26 2.47
C MET A 64 22.50 -22.61 2.94
N GLU A 65 23.65 -23.19 2.57
CA GLU A 65 24.91 -22.54 2.89
C GLU A 65 24.98 -21.16 2.23
N GLU A 66 24.40 -21.06 1.02
CA GLU A 66 24.46 -19.81 0.28
C GLU A 66 23.56 -18.76 0.91
N MET A 67 22.40 -19.14 1.41
CA MET A 67 21.55 -18.18 2.11
C MET A 67 22.15 -17.78 3.45
N ALA A 68 22.79 -18.71 4.14
CA ALA A 68 23.36 -18.45 5.45
C ALA A 68 24.57 -17.52 5.40
N THR A 69 25.16 -17.27 4.22
CA THR A 69 26.22 -16.28 4.13
C THR A 69 25.70 -14.87 4.44
N PHE A 70 24.39 -14.66 4.56
CA PHE A 70 23.93 -13.42 5.16
C PHE A 70 22.96 -13.71 6.30
N HIS A 71 21.95 -14.54 6.05
CA HIS A 71 20.94 -14.76 7.07
C HIS A 71 21.41 -15.79 8.10
N THR A 72 20.92 -15.65 9.32
CA THR A 72 21.31 -16.58 10.38
C THR A 72 20.64 -17.93 10.18
N ASP A 73 21.27 -18.96 10.72
CA ASP A 73 20.70 -20.31 10.63
C ASP A 73 19.40 -20.41 11.40
N ALA A 74 19.31 -19.74 12.56
CA ALA A 74 18.08 -19.73 13.35
C ALA A 74 16.92 -19.13 12.56
N TYR A 75 17.15 -18.01 11.86
CA TYR A 75 16.08 -17.44 11.05
C TYR A 75 15.80 -18.31 9.83
N LEU A 76 16.85 -18.78 9.15
CA LEU A 76 16.68 -19.67 8.01
C LEU A 76 15.99 -20.97 8.43
N GLN A 77 16.18 -21.39 9.68
CA GLN A 77 15.48 -22.55 10.20
C GLN A 77 13.99 -22.25 10.32
N HIS A 78 13.67 -21.14 10.96
CA HIS A 78 12.29 -20.85 11.29
C HIS A 78 11.48 -20.61 10.02
N LEU A 79 12.03 -19.81 9.10
CA LEU A 79 11.32 -19.50 7.87
C LEU A 79 10.95 -20.77 7.11
N GLN A 80 11.89 -21.73 7.05
CA GLN A 80 11.61 -22.97 6.34
C GLN A 80 10.56 -23.81 7.06
N LYS A 81 10.57 -23.80 8.40
CA LYS A 81 9.58 -24.60 9.15
C LYS A 81 8.17 -24.07 8.93
N VAL A 82 7.94 -22.78 9.24
CA VAL A 82 6.62 -22.16 9.13
C VAL A 82 6.21 -21.93 7.69
N SER A 83 7.03 -22.41 6.75
CA SER A 83 6.67 -22.52 5.34
C SER A 83 6.14 -23.90 4.97
N GLN A 84 6.17 -24.85 5.90
CA GLN A 84 5.75 -26.24 5.65
C GLN A 84 4.38 -26.56 6.28
N HIS A 90 2.82 -21.18 14.69
CA HIS A 90 2.69 -19.73 14.85
C HIS A 90 3.47 -19.04 16.01
N PRO A 91 3.94 -19.79 17.07
CA PRO A 91 4.37 -19.10 18.30
C PRO A 91 5.60 -18.18 18.18
N ASP A 92 6.72 -18.69 17.67
CA ASP A 92 7.96 -17.92 17.63
C ASP A 92 8.08 -17.01 16.39
N SER A 93 6.99 -16.83 15.62
CA SER A 93 7.07 -16.11 14.34
C SER A 93 7.23 -14.60 14.53
N ILE A 94 6.69 -14.05 15.62
CA ILE A 94 6.73 -12.61 15.82
C ILE A 94 8.18 -12.13 15.93
N GLU A 95 9.04 -12.92 16.59
CA GLU A 95 10.43 -12.51 16.81
C GLU A 95 11.16 -12.23 15.50
N TYR A 96 10.84 -12.98 14.45
CA TYR A 96 11.47 -12.80 13.15
C TYR A 96 10.64 -11.93 12.21
N GLY A 97 9.49 -11.43 12.65
CA GLY A 97 8.68 -10.57 11.82
C GLY A 97 7.90 -11.35 10.79
N LEU A 98 7.18 -12.38 11.22
CA LEU A 98 6.36 -13.15 10.31
C LEU A 98 4.88 -12.85 10.54
N PRO A 103 3.75 -12.98 7.77
CA PRO A 103 2.76 -13.49 6.79
C PRO A 103 3.14 -14.87 6.23
N ALA A 104 3.33 -15.84 7.14
CA ALA A 104 3.91 -17.14 6.84
C ALA A 104 3.10 -17.99 5.87
N THR A 105 3.38 -17.87 4.56
CA THR A 105 2.61 -18.59 3.55
C THR A 105 3.26 -19.92 3.21
N GLU A 106 2.40 -20.93 2.94
CA GLU A 106 2.83 -22.27 2.59
C GLU A 106 3.70 -22.26 1.35
N GLY A 107 5.01 -22.43 1.53
CA GLY A 107 5.97 -22.38 0.44
C GLY A 107 6.81 -21.13 0.40
N ILE A 108 6.64 -20.22 1.36
CA ILE A 108 7.37 -18.95 1.34
C ILE A 108 8.87 -19.20 1.23
N PHE A 109 9.38 -20.16 2.02
CA PHE A 109 10.81 -20.46 1.99
C PHE A 109 11.29 -20.86 0.61
N ASP A 110 10.43 -21.54 -0.17
CA ASP A 110 10.87 -22.04 -1.47
C ASP A 110 10.93 -20.92 -2.51
N TYR A 111 9.96 -20.00 -2.47
CA TYR A 111 10.00 -18.81 -3.32
C TYR A 111 11.19 -17.93 -2.96
N ALA A 112 11.40 -17.71 -1.66
CA ALA A 112 12.50 -16.89 -1.21
C ALA A 112 13.83 -17.45 -1.70
N ALA A 113 14.01 -18.78 -1.57
CA ALA A 113 15.26 -19.41 -1.98
C ALA A 113 15.44 -19.34 -3.49
N ALA A 114 14.34 -19.49 -4.24
CA ALA A 114 14.42 -19.45 -5.69
C ALA A 114 14.83 -18.06 -6.18
N ILE A 115 14.20 -17.01 -5.66
CA ILE A 115 14.62 -15.64 -6.03
C ILE A 115 16.07 -15.38 -5.59
N GLY A 116 16.44 -15.91 -4.42
CA GLY A 116 17.82 -15.77 -3.97
C GLY A 116 18.81 -16.42 -4.92
N GLY A 117 18.58 -17.70 -5.25
CA GLY A 117 19.45 -18.37 -6.21
C GLY A 117 19.49 -17.69 -7.56
N ALA A 118 18.38 -17.09 -7.98
CA ALA A 118 18.34 -16.36 -9.26
C ALA A 118 19.29 -15.17 -9.25
N THR A 119 19.34 -14.43 -8.14
CA THR A 119 20.30 -13.34 -8.08
C THR A 119 21.73 -13.86 -7.93
N ILE A 120 21.93 -14.94 -7.15
CA ILE A 120 23.28 -15.52 -7.08
C ILE A 120 23.70 -16.07 -8.44
N THR A 121 22.80 -16.77 -9.15
CA THR A 121 23.11 -17.24 -10.50
C THR A 121 23.63 -16.10 -11.37
N ALA A 122 22.96 -14.94 -11.30
CA ALA A 122 23.35 -13.80 -12.13
C ALA A 122 24.71 -13.24 -11.71
N ALA A 123 24.95 -13.11 -10.41
CA ALA A 123 26.27 -12.65 -9.94
C ALA A 123 27.36 -13.65 -10.32
N GLN A 124 27.03 -14.96 -10.37
CA GLN A 124 28.02 -15.95 -10.75
C GLN A 124 28.40 -15.86 -12.22
N CYS A 125 27.42 -15.62 -13.11
CA CYS A 125 27.72 -15.39 -14.52
C CYS A 125 28.69 -14.22 -14.68
N LEU A 126 28.45 -13.14 -13.95
CA LEU A 126 29.32 -11.97 -14.01
C LEU A 126 30.71 -12.28 -13.46
N ILE A 127 30.81 -13.14 -12.45
CA ILE A 127 32.12 -13.64 -12.01
C ILE A 127 32.82 -14.37 -13.14
N ASP A 128 32.13 -15.36 -13.75
CA ASP A 128 32.73 -16.14 -14.84
C ASP A 128 32.98 -15.34 -16.09
N GLY A 129 32.94 -14.01 -16.14
CA GLY A 129 33.11 -13.33 -17.41
C GLY A 129 32.16 -13.78 -18.50
N MET A 130 31.04 -14.42 -18.14
CA MET A 130 30.05 -14.84 -19.12
C MET A 130 29.38 -13.65 -19.77
N CYS A 131 29.16 -12.59 -19.01
CA CYS A 131 28.43 -11.42 -19.45
C CYS A 131 29.04 -10.24 -18.74
N LYS A 132 28.69 -9.04 -19.19
CA LYS A 132 28.97 -7.85 -18.42
C LYS A 132 27.74 -7.27 -17.74
N VAL A 133 26.54 -7.71 -18.14
CA VAL A 133 25.29 -7.30 -17.51
C VAL A 133 24.44 -8.55 -17.35
N ALA A 134 23.96 -8.79 -16.14
CA ALA A 134 23.08 -9.91 -15.83
C ALA A 134 21.85 -9.39 -15.11
N ILE A 135 20.69 -9.91 -15.51
CA ILE A 135 19.40 -9.32 -15.18
C ILE A 135 18.54 -10.36 -14.46
N ASN A 136 18.07 -10.02 -13.26
CA ASN A 136 17.03 -10.79 -12.56
C ASN A 136 15.89 -9.84 -12.13
N TRP A 137 15.02 -9.49 -13.09
CA TRP A 137 13.94 -8.54 -12.79
C TRP A 137 13.07 -8.97 -11.62
N SER A 138 13.03 -10.26 -11.28
CA SER A 138 12.22 -10.68 -10.14
C SER A 138 12.97 -10.58 -8.81
N GLY A 139 14.17 -9.98 -8.80
CA GLY A 139 14.91 -9.74 -7.58
C GLY A 139 14.69 -8.35 -7.02
N GLY A 140 15.50 -8.02 -6.02
CA GLY A 140 15.50 -6.70 -5.40
C GLY A 140 14.82 -6.55 -4.05
N TRP A 141 14.77 -7.60 -3.24
N TRP A 141 14.79 -7.61 -3.24
CA TRP A 141 13.97 -7.56 -2.00
CA TRP A 141 14.07 -7.66 -1.96
C TRP A 141 14.81 -7.00 -0.86
C TRP A 141 14.90 -7.00 -0.86
N HIS A 142 15.02 -5.68 -0.93
CA HIS A 142 16.07 -5.00 -0.21
C HIS A 142 15.78 -4.74 1.26
N HIS A 143 14.60 -5.04 1.77
CA HIS A 143 14.32 -4.70 3.16
C HIS A 143 14.73 -5.76 4.19
N ALA A 144 14.98 -7.01 3.78
CA ALA A 144 15.15 -8.08 4.74
C ALA A 144 16.48 -7.96 5.50
N LYS A 145 16.41 -8.04 6.83
CA LYS A 145 17.60 -8.04 7.68
C LYS A 145 18.02 -9.48 8.01
N LYS A 146 19.19 -9.62 8.64
CA LYS A 146 19.84 -10.93 8.65
C LYS A 146 19.02 -11.95 9.42
N ASP A 147 18.19 -11.50 10.36
CA ASP A 147 17.39 -12.42 11.16
C ASP A 147 15.96 -11.92 11.27
N GLU A 148 15.49 -11.20 10.25
CA GLU A 148 14.20 -10.53 10.36
C GLU A 148 13.65 -10.29 8.96
N ALA A 149 12.44 -10.76 8.73
CA ALA A 149 11.70 -10.35 7.55
C ALA A 149 11.21 -8.92 7.74
N SER A 150 11.10 -8.18 6.65
CA SER A 150 10.71 -6.78 6.74
C SER A 150 10.23 -6.31 5.37
N GLY A 151 9.16 -5.52 5.37
CA GLY A 151 8.70 -4.90 4.14
C GLY A 151 8.37 -5.88 3.05
N PHE A 152 7.73 -7.00 3.40
CA PHE A 152 7.39 -8.11 2.52
C PHE A 152 8.61 -8.79 1.93
N CYS A 153 9.80 -8.56 2.48
CA CYS A 153 11.01 -9.30 2.09
C CYS A 153 11.35 -10.39 3.10
N TYR A 154 11.54 -11.62 2.63
CA TYR A 154 11.94 -12.69 3.52
C TYR A 154 13.39 -13.10 3.38
N LEU A 155 13.99 -12.91 2.20
CA LEU A 155 15.39 -13.12 1.91
C LEU A 155 15.92 -11.86 1.24
N ASN A 156 17.13 -11.43 1.62
CA ASN A 156 17.71 -10.26 0.96
C ASN A 156 18.61 -10.74 -0.17
N ASP A 157 17.98 -11.03 -1.31
CA ASP A 157 18.72 -11.53 -2.46
C ASP A 157 19.73 -10.53 -2.99
N ALA A 158 19.52 -9.23 -2.79
CA ALA A 158 20.54 -8.26 -3.20
C ALA A 158 21.83 -8.48 -2.42
N VAL A 159 21.73 -8.48 -1.09
CA VAL A 159 22.89 -8.79 -0.26
C VAL A 159 23.53 -10.10 -0.66
N LEU A 160 22.72 -11.14 -0.86
CA LEU A 160 23.24 -12.41 -1.31
C LEU A 160 24.02 -12.28 -2.62
N GLY A 161 23.51 -11.49 -3.57
CA GLY A 161 24.22 -11.29 -4.82
C GLY A 161 25.51 -10.48 -4.67
N ILE A 162 25.52 -9.52 -3.75
CA ILE A 162 26.76 -8.79 -3.48
C ILE A 162 27.81 -9.73 -2.85
N LEU A 163 27.39 -10.54 -1.87
CA LEU A 163 28.33 -11.46 -1.23
C LEU A 163 28.94 -12.42 -2.23
N ARG A 164 28.18 -12.84 -3.24
CA ARG A 164 28.77 -13.65 -4.30
C ARG A 164 29.75 -12.84 -5.13
N LEU A 165 29.44 -11.57 -5.39
CA LEU A 165 30.33 -10.76 -6.21
C LEU A 165 31.65 -10.51 -5.49
N ARG A 166 31.62 -10.44 -4.16
CA ARG A 166 32.84 -10.29 -3.36
C ARG A 166 33.86 -11.42 -3.57
N ARG A 167 33.52 -12.48 -4.30
CA ARG A 167 34.51 -13.54 -4.55
C ARG A 167 35.58 -13.07 -5.53
N LYS A 168 35.20 -12.25 -6.51
CA LYS A 168 36.15 -11.65 -7.44
C LYS A 168 36.41 -10.18 -7.13
N PHE A 169 35.37 -9.39 -6.90
CA PHE A 169 35.47 -7.93 -6.87
C PHE A 169 35.65 -7.39 -5.45
N GLU A 170 36.57 -6.44 -5.30
CA GLU A 170 36.99 -5.99 -3.97
C GLU A 170 36.25 -4.77 -3.51
N ARG A 171 35.55 -4.08 -4.41
CA ARG A 171 34.70 -2.96 -4.05
C ARG A 171 33.49 -3.01 -4.94
N ILE A 172 32.30 -3.14 -4.34
CA ILE A 172 31.05 -3.17 -5.06
C ILE A 172 30.23 -1.92 -4.71
N LEU A 173 29.58 -1.36 -5.71
CA LEU A 173 28.69 -0.21 -5.55
C LEU A 173 27.26 -0.68 -5.75
N TYR A 174 26.47 -0.57 -4.69
CA TYR A 174 25.03 -0.85 -4.75
C TYR A 174 24.30 0.48 -4.96
N VAL A 175 23.51 0.57 -6.03
CA VAL A 175 22.69 1.74 -6.34
C VAL A 175 21.22 1.32 -6.28
N ASP A 176 20.46 1.96 -5.40
CA ASP A 176 19.07 1.57 -5.12
C ASP A 176 18.15 2.73 -5.50
N LEU A 177 17.32 2.52 -6.53
CA LEU A 177 16.45 3.56 -7.09
C LEU A 177 14.98 3.32 -6.79
N ASP A 178 14.65 2.34 -5.95
CA ASP A 178 13.30 2.11 -5.45
C ASP A 178 12.75 3.36 -4.77
N LEU A 179 11.42 3.42 -4.67
CA LEU A 179 10.82 4.51 -3.90
C LEU A 179 11.30 4.49 -2.46
N HIS A 180 11.54 3.32 -1.92
CA HIS A 180 11.83 3.12 -0.51
C HIS A 180 13.34 3.00 -0.27
N HIS A 181 13.71 3.27 0.97
CA HIS A 181 15.09 3.15 1.38
C HIS A 181 15.49 1.68 1.37
N GLY A 182 16.59 1.37 0.70
CA GLY A 182 17.16 0.03 0.82
C GLY A 182 17.85 -0.20 2.16
N ASP A 183 17.09 -0.21 3.26
CA ASP A 183 17.71 -0.27 4.57
C ASP A 183 18.39 -1.62 4.81
N GLY A 184 17.80 -2.72 4.33
CA GLY A 184 18.38 -4.03 4.58
C GLY A 184 19.77 -4.19 4.00
N VAL A 185 19.95 -3.79 2.74
CA VAL A 185 21.29 -3.86 2.16
C VAL A 185 22.25 -2.92 2.88
N GLU A 186 21.80 -1.71 3.20
CA GLU A 186 22.69 -0.78 3.86
C GLU A 186 23.04 -1.25 5.26
N ASP A 187 22.11 -1.92 5.93
CA ASP A 187 22.41 -2.56 7.21
C ASP A 187 23.52 -3.58 7.06
N ALA A 188 23.40 -4.46 6.07
CA ALA A 188 24.29 -5.60 5.92
C ALA A 188 25.75 -5.18 5.84
N PHE A 189 26.01 -3.99 5.28
CA PHE A 189 27.37 -3.55 5.04
C PHE A 189 27.67 -2.19 5.68
N SER A 190 26.87 -1.77 6.67
CA SER A 190 27.05 -0.41 7.19
C SER A 190 28.36 -0.25 7.96
N PHE A 191 29.03 -1.35 8.26
CA PHE A 191 30.27 -1.36 9.01
C PHE A 191 31.48 -1.61 8.12
N THR A 192 31.32 -1.75 6.81
CA THR A 192 32.45 -2.06 5.95
C THR A 192 32.66 -0.99 4.89
N SER A 193 33.88 -0.96 4.37
CA SER A 193 34.27 -0.04 3.29
C SER A 193 34.41 -0.75 1.96
N LYS A 194 34.18 -2.06 1.91
CA LYS A 194 34.29 -2.80 0.66
C LYS A 194 33.02 -2.76 -0.17
N VAL A 195 31.89 -2.35 0.42
CA VAL A 195 30.61 -2.20 -0.27
C VAL A 195 30.02 -0.86 0.11
N MET A 196 29.81 0.02 -0.87
CA MET A 196 29.15 1.30 -0.63
C MET A 196 27.71 1.25 -1.11
N THR A 197 26.78 1.59 -0.23
CA THR A 197 25.37 1.63 -0.60
C THR A 197 24.96 3.06 -0.91
N VAL A 198 24.19 3.21 -2.00
CA VAL A 198 23.61 4.49 -2.43
C VAL A 198 22.13 4.25 -2.68
N SER A 199 21.28 4.95 -1.95
CA SER A 199 19.84 4.84 -2.05
C SER A 199 19.27 6.23 -2.32
N LEU A 200 18.48 6.38 -3.39
CA LEU A 200 17.55 7.50 -3.56
C LEU A 200 16.14 7.01 -3.24
N HIS A 201 15.43 7.74 -2.39
CA HIS A 201 14.18 7.21 -1.85
C HIS A 201 13.36 8.34 -1.27
N LYS A 202 12.05 8.16 -1.27
CA LYS A 202 11.22 9.09 -0.52
C LYS A 202 11.58 9.00 0.97
N PHE A 203 11.74 10.16 1.60
CA PHE A 203 12.01 10.25 3.02
C PHE A 203 11.04 11.25 3.63
N SER A 204 10.23 10.78 4.56
CA SER A 204 9.18 11.63 5.12
C SER A 204 8.72 10.97 6.41
N PRO A 205 8.45 11.73 7.46
CA PRO A 205 8.03 11.09 8.72
C PRO A 205 6.75 10.30 8.52
N GLY A 206 6.81 9.03 8.88
CA GLY A 206 5.72 8.11 8.68
C GLY A 206 5.83 7.28 7.43
N PHE A 207 6.82 7.51 6.59
CA PHE A 207 6.91 6.76 5.34
C PHE A 207 7.93 5.64 5.48
N PHE A 208 7.51 4.43 5.10
CA PHE A 208 8.29 3.22 5.29
C PHE A 208 9.58 3.26 4.48
N PRO A 209 10.72 2.78 5.03
CA PRO A 209 10.84 2.26 6.40
C PRO A 209 11.31 3.31 7.40
N GLY A 210 11.28 4.59 7.03
CA GLY A 210 11.52 5.64 8.00
C GLY A 210 12.97 5.96 8.29
N THR A 211 13.92 5.23 7.68
CA THR A 211 15.36 5.46 7.81
C THR A 211 15.90 6.03 6.51
N GLY A 212 17.20 6.37 6.54
CA GLY A 212 17.89 6.76 5.33
C GLY A 212 17.94 8.25 5.08
N ASP A 213 18.07 9.03 6.15
CA ASP A 213 18.31 10.45 5.97
C ASP A 213 19.72 10.68 5.43
N VAL A 214 19.97 11.89 4.93
CA VAL A 214 21.31 12.22 4.44
C VAL A 214 22.33 12.14 5.58
N SER A 215 21.88 12.25 6.84
CA SER A 215 22.75 12.01 7.98
C SER A 215 23.20 10.55 8.10
N ASP A 216 22.37 9.60 7.68
CA ASP A 216 22.75 8.18 7.81
C ASP A 216 23.89 7.88 6.85
N VAL A 217 25.09 7.66 7.39
CA VAL A 217 26.27 7.41 6.57
C VAL A 217 26.96 6.09 6.88
N GLY A 218 26.53 5.37 7.90
CA GLY A 218 27.16 4.12 8.28
C GLY A 218 27.81 4.24 9.63
N LEU A 219 28.61 3.22 9.97
CA LEU A 219 29.13 3.04 11.31
C LEU A 219 30.56 2.49 11.27
N GLY A 220 31.40 2.96 12.20
CA GLY A 220 32.75 2.45 12.34
C GLY A 220 33.57 2.55 11.06
N LYS A 221 34.19 1.42 10.69
CA LYS A 221 34.98 1.36 9.47
C LYS A 221 34.18 1.70 8.22
N GLY A 222 32.86 1.50 8.27
CA GLY A 222 31.99 1.80 7.15
C GLY A 222 31.47 3.21 7.09
N ARG A 223 31.81 4.03 8.08
CA ARG A 223 31.33 5.41 8.13
C ARG A 223 31.77 6.19 6.89
N TYR A 224 30.79 6.83 6.24
CA TYR A 224 30.83 7.56 4.95
C TYR A 224 30.75 6.62 3.77
N TYR A 225 30.34 5.37 3.99
CA TYR A 225 30.17 4.44 2.89
C TYR A 225 28.73 3.97 2.76
N SER A 226 27.80 4.59 3.47
CA SER A 226 26.39 4.62 3.05
C SER A 226 26.08 6.03 2.59
N VAL A 227 25.46 6.14 1.41
CA VAL A 227 25.01 7.40 0.86
C VAL A 227 23.50 7.35 0.77
N ASN A 228 22.84 8.36 1.33
CA ASN A 228 21.38 8.43 1.36
C ASN A 228 20.91 9.77 0.77
N VAL A 229 20.03 9.69 -0.23
CA VAL A 229 19.53 10.89 -0.91
C VAL A 229 18.04 11.03 -0.64
N PRO A 230 17.64 11.69 0.45
CA PRO A 230 16.20 11.77 0.78
C PRO A 230 15.48 12.71 -0.17
N ILE A 231 14.32 12.27 -0.70
CA ILE A 231 13.60 13.02 -1.73
C ILE A 231 12.12 13.11 -1.35
N GLN A 232 11.47 14.17 -1.79
CA GLN A 232 10.07 14.41 -1.47
C GLN A 232 9.18 13.95 -2.63
N ASP A 233 7.87 14.14 -2.44
CA ASP A 233 6.87 13.70 -3.40
C ASP A 233 6.92 14.55 -4.67
N GLY A 234 6.56 13.93 -5.80
CA GLY A 234 6.29 14.63 -7.02
C GLY A 234 7.48 14.88 -7.94
N ILE A 235 8.67 14.41 -7.57
CA ILE A 235 9.83 14.65 -8.40
C ILE A 235 9.67 13.96 -9.75
N GLN A 236 10.16 14.61 -10.81
CA GLN A 236 10.03 14.09 -12.17
C GLN A 236 11.40 13.84 -12.81
N ASP A 237 11.34 13.35 -14.05
CA ASP A 237 12.48 12.77 -14.74
C ASP A 237 13.74 13.65 -14.67
N GLU A 238 13.65 14.91 -15.13
CA GLU A 238 14.87 15.70 -15.34
C GLU A 238 15.62 15.98 -14.05
N LYS A 239 14.90 16.41 -13.00
CA LYS A 239 15.53 16.72 -11.72
C LYS A 239 15.95 15.45 -10.97
N TYR A 240 15.23 14.33 -11.15
CA TYR A 240 15.72 13.06 -10.62
C TYR A 240 17.08 12.72 -11.21
N TYR A 241 17.24 12.90 -12.51
CA TYR A 241 18.48 12.50 -13.16
C TYR A 241 19.63 13.42 -12.77
N GLN A 242 19.39 14.73 -12.70
CA GLN A 242 20.43 15.65 -12.27
C GLN A 242 20.96 15.28 -10.89
N ILE A 243 20.06 14.98 -9.95
CA ILE A 243 20.46 14.49 -8.63
C ILE A 243 21.26 13.18 -8.75
N CYS A 244 20.64 12.17 -9.38
CA CYS A 244 21.27 10.86 -9.47
C CYS A 244 22.63 10.92 -10.16
N GLU A 245 22.77 11.79 -11.15
CA GLU A 245 24.04 11.87 -11.85
C GLU A 245 25.08 12.65 -11.05
N SER A 246 24.62 13.65 -10.29
CA SER A 246 25.52 14.41 -9.43
C SER A 246 26.10 13.51 -8.33
N VAL A 247 25.23 12.80 -7.63
CA VAL A 247 25.73 11.87 -6.61
C VAL A 247 26.62 10.81 -7.25
N LEU A 248 26.12 10.12 -8.28
CA LEU A 248 26.88 8.99 -8.84
C LEU A 248 28.23 9.43 -9.37
N LYS A 249 28.28 10.61 -10.00
CA LYS A 249 29.54 11.11 -10.55
C LYS A 249 30.59 11.22 -9.45
N GLU A 250 30.23 11.81 -8.31
CA GLU A 250 31.19 11.93 -7.21
C GLU A 250 31.52 10.55 -6.63
N VAL A 251 30.50 9.73 -6.41
CA VAL A 251 30.71 8.39 -5.83
C VAL A 251 31.71 7.60 -6.66
N TYR A 252 31.65 7.76 -7.98
CA TYR A 252 32.54 7.01 -8.85
C TYR A 252 33.98 7.40 -8.63
N GLN A 253 34.23 8.71 -8.46
CA GLN A 253 35.59 9.16 -8.22
C GLN A 253 36.06 8.75 -6.83
N ALA A 254 35.24 8.99 -5.82
CA ALA A 254 35.67 8.72 -4.45
C ALA A 254 35.80 7.23 -4.19
N PHE A 255 34.89 6.43 -4.76
CA PHE A 255 34.81 5.02 -4.39
C PHE A 255 35.47 4.07 -5.40
N ASN A 256 35.43 4.38 -6.68
CA ASN A 256 36.07 3.56 -7.71
C ASN A 256 35.68 2.08 -7.64
N PRO A 257 34.39 1.77 -7.74
CA PRO A 257 33.95 0.38 -7.62
C PRO A 257 34.38 -0.44 -8.83
N LYS A 258 34.48 -1.74 -8.61
CA LYS A 258 34.77 -2.67 -9.70
C LYS A 258 33.55 -3.44 -10.18
N ALA A 259 32.49 -3.51 -9.38
CA ALA A 259 31.23 -4.10 -9.81
C ALA A 259 30.07 -3.32 -9.20
N VAL A 260 28.90 -3.39 -9.87
CA VAL A 260 27.71 -2.62 -9.52
C VAL A 260 26.50 -3.55 -9.42
N VAL A 261 25.73 -3.42 -8.34
CA VAL A 261 24.41 -4.02 -8.22
C VAL A 261 23.39 -2.90 -8.21
N LEU A 262 22.37 -2.99 -9.07
CA LEU A 262 21.47 -1.87 -9.32
C LEU A 262 20.03 -2.31 -9.09
N GLN A 263 19.38 -1.75 -8.07
CA GLN A 263 17.99 -2.05 -7.75
C GLN A 263 17.09 -1.00 -8.42
N LEU A 264 16.23 -1.45 -9.36
CA LEU A 264 15.42 -0.51 -10.13
C LEU A 264 13.93 -0.71 -9.93
N GLY A 265 13.50 -0.69 -8.67
CA GLY A 265 12.08 -0.88 -8.37
C GLY A 265 11.26 0.20 -9.04
N ALA A 266 10.07 -0.20 -9.50
CA ALA A 266 9.24 0.65 -10.35
C ALA A 266 8.15 1.39 -9.59
N ASP A 267 8.19 1.39 -8.26
CA ASP A 267 7.17 2.11 -7.49
C ASP A 267 7.44 3.59 -7.40
N THR A 268 8.38 4.10 -8.19
CA THR A 268 8.56 5.53 -8.38
C THR A 268 7.79 6.06 -9.58
N ILE A 269 7.24 5.18 -10.43
CA ILE A 269 6.72 5.60 -11.74
C ILE A 269 5.30 6.14 -11.59
N ALA A 270 4.97 7.17 -12.36
CA ALA A 270 3.61 7.70 -12.36
C ALA A 270 2.62 6.58 -12.63
N GLY A 271 1.47 6.64 -11.95
CA GLY A 271 0.49 5.61 -12.01
C GLY A 271 0.55 4.63 -10.85
N ASP A 272 1.71 4.51 -10.19
CA ASP A 272 1.85 3.56 -9.10
C ASP A 272 0.87 3.88 -7.97
N PRO A 273 0.24 2.88 -7.38
CA PRO A 273 -0.59 3.16 -6.19
C PRO A 273 0.14 3.94 -5.10
N MET A 274 1.48 3.77 -4.98
CA MET A 274 2.22 4.52 -3.97
C MET A 274 2.05 6.02 -4.17
N CYS A 275 1.96 6.45 -5.42
CA CYS A 275 1.50 7.80 -5.78
C CYS A 275 2.34 8.86 -5.07
N SER A 276 3.66 8.73 -5.21
CA SER A 276 4.60 9.56 -4.47
C SER A 276 5.50 10.30 -5.45
N PHE A 277 6.47 9.60 -6.05
CA PHE A 277 7.24 10.21 -7.13
C PHE A 277 6.39 10.33 -8.39
N ASN A 278 6.90 11.07 -9.36
CA ASN A 278 6.21 11.26 -10.64
C ASN A 278 7.17 10.98 -11.79
N MET A 279 7.80 9.80 -11.74
CA MET A 279 8.83 9.44 -12.70
C MET A 279 8.22 8.72 -13.91
N THR A 280 8.97 8.68 -14.99
CA THR A 280 8.72 7.81 -16.13
C THR A 280 9.95 6.91 -16.34
N PRO A 281 9.82 5.82 -17.08
CA PRO A 281 10.99 4.93 -17.22
C PRO A 281 12.13 5.57 -17.96
N VAL A 282 11.90 6.69 -18.66
CA VAL A 282 12.99 7.36 -19.38
C VAL A 282 13.94 8.04 -18.40
N GLY A 283 13.41 8.60 -17.31
CA GLY A 283 14.29 9.17 -16.30
C GLY A 283 15.11 8.12 -15.57
N ILE A 284 14.46 7.03 -15.17
CA ILE A 284 15.19 5.89 -14.62
C ILE A 284 16.18 5.36 -15.62
N GLY A 285 15.78 5.28 -16.90
CA GLY A 285 16.65 4.71 -17.91
C GLY A 285 17.90 5.54 -18.16
N LYS A 286 17.78 6.87 -18.00
CA LYS A 286 18.95 7.74 -18.09
C LYS A 286 19.95 7.42 -16.98
N CYS A 287 19.46 7.27 -15.76
CA CYS A 287 20.34 6.87 -14.66
C CYS A 287 21.05 5.57 -15.00
N LEU A 288 20.29 4.60 -15.51
CA LEU A 288 20.89 3.31 -15.86
C LEU A 288 21.90 3.47 -16.98
N LYS A 289 21.62 4.36 -17.93
CA LYS A 289 22.55 4.54 -19.03
C LYS A 289 23.85 5.17 -18.53
N TYR A 290 23.75 6.13 -17.61
CA TYR A 290 24.95 6.70 -17.02
C TYR A 290 25.76 5.64 -16.30
N ILE A 291 25.10 4.70 -15.62
CA ILE A 291 25.82 3.64 -14.93
C ILE A 291 26.47 2.70 -15.93
N LEU A 292 25.68 2.20 -16.88
CA LEU A 292 26.18 1.29 -17.89
C LEU A 292 27.44 1.83 -18.57
N GLN A 293 27.60 3.15 -18.63
CA GLN A 293 28.77 3.71 -19.29
C GLN A 293 30.07 3.48 -18.53
N TRP A 294 30.00 3.05 -17.26
CA TRP A 294 31.20 2.74 -16.49
C TRP A 294 31.89 1.46 -16.94
N GLN A 295 31.27 0.71 -17.84
CA GLN A 295 31.81 -0.54 -18.39
C GLN A 295 32.18 -1.57 -17.33
N LEU A 296 31.59 -1.48 -16.13
CA LEU A 296 31.83 -2.45 -15.08
C LEU A 296 30.82 -3.61 -15.16
N ALA A 297 31.16 -4.70 -14.47
CA ALA A 297 30.17 -5.75 -14.22
C ALA A 297 28.99 -5.17 -13.43
N THR A 298 27.78 -5.53 -13.85
CA THR A 298 26.56 -4.89 -13.39
C THR A 298 25.43 -5.89 -13.18
N LEU A 299 24.80 -5.84 -12.00
CA LEU A 299 23.77 -6.78 -11.61
C LEU A 299 22.43 -6.05 -11.54
N ILE A 300 21.55 -6.31 -12.50
CA ILE A 300 20.28 -5.61 -12.62
C ILE A 300 19.20 -6.34 -11.84
N LEU A 301 18.55 -5.65 -10.92
CA LEU A 301 17.45 -6.22 -10.14
C LEU A 301 16.21 -5.34 -10.23
N GLY A 302 15.04 -5.93 -9.93
CA GLY A 302 13.82 -5.18 -9.83
C GLY A 302 13.54 -4.73 -8.40
N GLY A 303 12.29 -4.89 -7.95
CA GLY A 303 11.91 -4.51 -6.61
C GLY A 303 10.44 -4.17 -6.55
N GLY A 304 10.12 -2.99 -6.03
CA GLY A 304 8.74 -2.58 -5.95
C GLY A 304 8.17 -2.25 -7.31
N GLY A 305 6.88 -1.97 -7.34
CA GLY A 305 6.19 -1.71 -8.59
C GLY A 305 4.82 -2.35 -8.53
N TYR A 306 3.80 -1.56 -8.19
CA TYR A 306 2.48 -2.08 -7.86
C TYR A 306 1.41 -1.65 -8.85
N ASN A 307 1.80 -0.95 -9.92
CA ASN A 307 1.04 -0.89 -11.14
C ASN A 307 1.69 -1.91 -12.07
N LEU A 308 0.97 -2.99 -12.32
CA LEU A 308 1.63 -4.16 -12.91
C LEU A 308 2.04 -3.91 -14.35
N ALA A 309 1.18 -3.24 -15.13
CA ALA A 309 1.53 -2.97 -16.52
C ALA A 309 2.58 -1.87 -16.63
N ASN A 310 2.51 -0.84 -15.78
CA ASN A 310 3.53 0.21 -15.78
C ASN A 310 4.89 -0.35 -15.39
N THR A 311 4.92 -1.27 -14.44
CA THR A 311 6.17 -1.93 -14.10
C THR A 311 6.66 -2.77 -15.27
N ALA A 312 5.73 -3.45 -15.92
CA ALA A 312 6.10 -4.23 -17.11
C ALA A 312 6.66 -3.30 -18.18
N ARG A 313 6.02 -2.14 -18.36
CA ARG A 313 6.51 -1.11 -19.27
C ARG A 313 7.90 -0.64 -18.91
N CYS A 314 8.12 -0.35 -17.61
CA CYS A 314 9.38 0.21 -17.18
C CYS A 314 10.53 -0.76 -17.45
N TRP A 315 10.44 -1.96 -16.89
CA TRP A 315 11.55 -2.90 -17.04
C TRP A 315 11.70 -3.39 -18.48
N THR A 316 10.63 -3.42 -19.27
CA THR A 316 10.84 -3.69 -20.71
C THR A 316 11.68 -2.58 -21.33
N TYR A 317 11.33 -1.32 -21.02
CA TYR A 317 12.09 -0.19 -21.54
C TYR A 317 13.52 -0.23 -21.02
N LEU A 318 13.71 -0.49 -19.73
CA LEU A 318 15.07 -0.56 -19.19
C LEU A 318 15.87 -1.65 -19.87
N THR A 319 15.22 -2.79 -20.19
CA THR A 319 15.91 -3.87 -20.91
C THR A 319 16.33 -3.44 -22.32
N ARG A 320 15.51 -2.61 -22.96
CA ARG A 320 15.91 -2.08 -24.26
C ARG A 320 17.05 -1.07 -24.13
N VAL A 321 17.05 -0.28 -23.05
CA VAL A 321 18.20 0.58 -22.76
C VAL A 321 19.47 -0.25 -22.68
N ILE A 322 19.43 -1.32 -21.88
CA ILE A 322 20.59 -2.19 -21.73
C ILE A 322 21.03 -2.72 -23.09
N LEU A 323 20.07 -3.08 -23.93
CA LEU A 323 20.38 -3.62 -25.23
C LEU A 323 20.66 -2.55 -26.28
N GLY A 324 20.37 -1.29 -25.98
CA GLY A 324 20.56 -0.25 -26.97
C GLY A 324 19.68 -0.36 -28.20
N LYS A 325 18.61 -1.17 -28.16
CA LYS A 325 17.71 -1.32 -29.28
C LYS A 325 16.72 -0.15 -29.32
N THR A 326 15.74 -0.26 -30.22
CA THR A 326 14.63 0.68 -30.33
C THR A 326 13.34 -0.11 -30.25
N LEU A 327 12.26 0.54 -29.80
CA LEU A 327 10.98 -0.16 -29.71
C LEU A 327 9.86 0.75 -30.17
N SER A 328 8.92 0.18 -30.91
CA SER A 328 7.72 0.90 -31.25
C SER A 328 6.89 1.17 -29.99
N SER A 329 6.04 2.19 -30.10
CA SER A 329 5.29 2.65 -28.95
C SER A 329 4.06 1.80 -28.65
N GLU A 330 3.40 1.27 -29.68
CA GLU A 330 2.25 0.41 -29.43
C GLU A 330 2.67 -0.86 -28.68
N ILE A 331 1.91 -1.20 -27.66
CA ILE A 331 2.10 -2.48 -26.96
C ILE A 331 1.77 -3.61 -27.92
N PRO A 332 2.68 -4.55 -28.14
CA PRO A 332 2.38 -5.70 -29.00
C PRO A 332 1.18 -6.48 -28.50
N ASP A 333 0.62 -7.29 -29.39
CA ASP A 333 -0.48 -8.17 -29.00
C ASP A 333 0.12 -9.38 -28.30
N HIS A 334 -0.32 -9.64 -27.07
CA HIS A 334 0.24 -10.72 -26.26
C HIS A 334 -0.73 -11.02 -25.12
N GLU A 335 -0.30 -11.91 -24.22
CA GLU A 335 -1.18 -12.43 -23.18
C GLU A 335 -1.91 -11.34 -22.40
N PHE A 336 -1.23 -10.22 -22.09
CA PHE A 336 -1.76 -9.27 -21.12
C PHE A 336 -2.08 -7.91 -21.74
N PHE A 337 -2.30 -7.89 -23.07
CA PHE A 337 -2.55 -6.64 -23.78
C PHE A 337 -3.68 -5.85 -23.13
N THR A 338 -4.75 -6.53 -22.72
CA THR A 338 -5.91 -5.85 -22.14
C THR A 338 -5.55 -5.01 -20.91
N ALA A 339 -4.46 -5.32 -20.20
CA ALA A 339 -4.13 -4.57 -19.00
C ALA A 339 -3.42 -3.25 -19.29
N TYR A 340 -3.21 -2.91 -20.55
CA TYR A 340 -2.42 -1.75 -20.92
C TYR A 340 -3.27 -0.56 -21.31
N GLY A 341 -4.53 -0.51 -20.87
CA GLY A 341 -5.35 0.67 -21.05
C GLY A 341 -4.71 1.89 -20.43
N PRO A 342 -5.11 3.10 -20.89
CA PRO A 342 -6.15 3.37 -21.89
C PRO A 342 -5.63 3.54 -23.30
N ASP A 343 -4.34 3.85 -23.44
CA ASP A 343 -3.78 4.21 -24.72
C ASP A 343 -2.99 3.08 -25.36
N TYR A 344 -2.70 2.01 -24.60
CA TYR A 344 -2.10 0.77 -25.11
C TYR A 344 -0.73 1.03 -25.74
N VAL A 345 0.00 1.97 -25.14
CA VAL A 345 1.34 2.33 -25.58
C VAL A 345 2.34 2.04 -24.45
N LEU A 346 3.62 1.99 -24.83
CA LEU A 346 4.70 1.77 -23.87
C LEU A 346 4.89 2.97 -22.96
N GLU A 347 4.60 4.17 -23.47
CA GLU A 347 4.92 5.43 -22.82
C GLU A 347 3.99 5.73 -21.64
N ILE A 348 4.59 6.12 -20.53
CA ILE A 348 3.88 6.52 -19.33
C ILE A 348 3.92 8.05 -19.21
N THR A 349 2.77 8.64 -18.96
CA THR A 349 2.63 10.09 -18.89
C THR A 349 2.60 10.55 -17.44
N PRO A 350 3.41 11.54 -17.05
CA PRO A 350 3.38 11.98 -15.65
C PRO A 350 2.01 12.52 -15.28
N SER A 351 1.74 12.51 -13.96
CA SER A 351 0.49 13.01 -13.41
C SER A 351 0.62 14.47 -13.05
N CYS A 352 -0.46 15.23 -13.26
N CYS A 352 -0.46 15.23 -13.28
CA CYS A 352 -0.52 16.65 -12.94
CA CYS A 352 -0.50 16.65 -12.93
C CYS A 352 -0.50 16.82 -11.42
C CYS A 352 -0.50 16.76 -11.42
N ARG A 353 0.69 16.65 -10.84
CA ARG A 353 0.88 16.71 -9.40
C ARG A 353 2.09 17.57 -9.08
N PRO A 354 2.09 18.25 -7.95
CA PRO A 354 3.20 19.14 -7.62
C PRO A 354 4.47 18.38 -7.24
N ASP A 355 5.60 18.86 -7.76
CA ASP A 355 6.91 18.48 -7.25
C ASP A 355 7.12 19.19 -5.91
N ARG A 356 7.31 18.45 -4.82
CA ARG A 356 7.47 19.11 -3.53
C ARG A 356 8.91 19.23 -3.09
N ASN A 357 9.86 19.24 -4.03
CA ASN A 357 11.30 19.29 -3.72
C ASN A 357 11.83 20.72 -3.87
N GLU A 358 11.94 21.44 -2.75
CA GLU A 358 12.65 22.71 -2.67
C GLU A 358 14.06 22.56 -3.25
N PRO A 359 14.39 23.26 -4.33
CA PRO A 359 15.74 23.13 -4.91
C PRO A 359 16.86 23.35 -3.91
N HIS A 360 16.65 24.15 -2.85
CA HIS A 360 17.72 24.41 -1.91
C HIS A 360 17.90 23.27 -0.90
N ARG A 361 16.81 22.65 -0.46
CA ARG A 361 16.95 21.43 0.33
C ARG A 361 17.70 20.36 -0.46
N ILE A 362 17.39 20.22 -1.75
CA ILE A 362 18.12 19.29 -2.60
C ILE A 362 19.60 19.64 -2.64
N GLN A 363 19.92 20.93 -2.84
CA GLN A 363 21.32 21.32 -2.99
C GLN A 363 22.11 21.10 -1.70
N GLN A 364 21.51 21.40 -0.55
CA GLN A 364 22.17 21.12 0.72
C GLN A 364 22.48 19.65 0.84
N ILE A 365 21.51 18.80 0.49
CA ILE A 365 21.71 17.36 0.50
C ILE A 365 22.92 16.98 -0.35
N LEU A 366 22.95 17.47 -1.59
CA LEU A 366 24.11 17.24 -2.44
C LEU A 366 25.39 17.75 -1.78
N ASN A 367 25.33 18.89 -1.08
CA ASN A 367 26.52 19.46 -0.48
C ASN A 367 27.01 18.55 0.63
N TYR A 368 26.11 18.24 1.57
CA TYR A 368 26.41 17.32 2.66
C TYR A 368 27.03 16.02 2.14
N ILE A 369 26.47 15.43 1.08
CA ILE A 369 26.98 14.18 0.53
C ILE A 369 28.34 14.35 -0.11
N LYS A 370 28.62 15.50 -0.71
CA LYS A 370 29.98 15.73 -1.21
C LYS A 370 30.97 15.82 -0.06
N GLY A 371 30.56 16.45 1.05
CA GLY A 371 31.41 16.48 2.22
C GLY A 371 31.62 15.11 2.82
N ASN A 372 30.58 14.27 2.80
CA ASN A 372 30.74 12.90 3.26
C ASN A 372 31.67 12.11 2.34
N LEU A 373 31.60 12.38 1.03
CA LEU A 373 32.38 11.59 0.08
C LEU A 373 33.85 11.97 0.11
N LYS A 374 34.16 13.25 0.33
CA LYS A 374 35.57 13.65 0.38
C LYS A 374 36.35 12.89 1.47
N HIS A 375 35.69 12.38 2.49
CA HIS A 375 36.29 11.47 3.44
C HIS A 375 36.73 10.14 2.81
N VAL A 376 36.29 9.81 1.60
CA VAL A 376 36.51 8.46 1.07
C VAL A 376 37.78 8.43 0.22
N LEU B 14 -30.98 0.58 25.29
CA LEU B 14 -30.47 1.91 25.03
C LEU B 14 -28.95 1.88 25.04
N VAL B 15 -28.38 0.68 24.95
CA VAL B 15 -26.93 0.52 24.94
C VAL B 15 -26.47 0.02 23.57
N PRO B 16 -25.29 0.42 23.09
CA PRO B 16 -24.91 0.14 21.70
C PRO B 16 -24.72 -1.35 21.45
N VAL B 17 -25.28 -1.84 20.34
CA VAL B 17 -25.02 -3.21 19.94
C VAL B 17 -23.59 -3.30 19.40
N TYR B 18 -22.93 -4.40 19.70
CA TYR B 18 -21.56 -4.66 19.24
C TYR B 18 -21.57 -5.99 18.49
N ILE B 19 -21.49 -5.93 17.16
CA ILE B 19 -21.51 -7.16 16.37
C ILE B 19 -20.19 -7.87 16.60
N TYR B 20 -20.23 -8.98 17.32
CA TYR B 20 -19.03 -9.77 17.55
C TYR B 20 -19.37 -11.24 17.79
N SER B 21 -18.51 -12.11 17.28
CA SER B 21 -18.48 -13.52 17.65
C SER B 21 -17.08 -14.02 17.40
N PRO B 22 -16.60 -14.99 18.18
CA PRO B 22 -15.26 -15.52 17.90
C PRO B 22 -15.13 -16.07 16.49
N GLU B 23 -16.13 -16.81 15.99
CA GLU B 23 -16.04 -17.36 14.64
C GLU B 23 -15.94 -16.28 13.58
N TYR B 24 -16.57 -15.12 13.81
CA TYR B 24 -16.49 -14.03 12.85
C TYR B 24 -15.10 -13.41 12.83
N VAL B 25 -14.55 -13.11 14.02
CA VAL B 25 -13.22 -12.50 14.11
C VAL B 25 -12.16 -13.40 13.48
N SER B 26 -12.25 -14.71 13.72
CA SER B 26 -11.25 -15.62 13.16
C SER B 26 -11.26 -15.57 11.64
N MET B 27 -12.44 -15.51 11.05
CA MET B 27 -12.53 -15.43 9.59
C MET B 27 -12.01 -14.10 9.09
N CYS B 28 -12.47 -12.99 9.68
CA CYS B 28 -11.98 -11.68 9.28
C CYS B 28 -10.48 -11.55 9.46
N ASP B 29 -9.92 -12.15 10.56
CA ASP B 29 -8.48 -12.03 10.80
C ASP B 29 -7.65 -12.83 9.78
N SER B 30 -8.36 -13.39 8.80
CA SER B 30 -7.79 -14.16 7.69
C SER B 30 -7.72 -13.38 6.39
N LEU B 31 -8.30 -12.18 6.33
CA LEU B 31 -8.27 -11.39 5.10
C LEU B 31 -6.84 -10.92 4.84
N ALA B 32 -6.27 -11.36 3.71
CA ALA B 32 -4.82 -11.35 3.53
C ALA B 32 -4.21 -9.97 3.75
N LYS B 33 -4.94 -8.90 3.42
CA LYS B 33 -4.36 -7.58 3.40
C LYS B 33 -4.40 -6.89 4.77
N ILE B 34 -5.04 -7.50 5.76
CA ILE B 34 -5.10 -6.95 7.11
C ILE B 34 -5.03 -8.10 8.11
N PRO B 35 -3.96 -8.90 8.11
CA PRO B 35 -3.96 -10.15 8.89
C PRO B 35 -4.00 -9.88 10.38
N LYS B 36 -4.86 -10.59 11.07
CA LYS B 36 -5.03 -10.52 12.53
C LYS B 36 -5.54 -9.17 12.98
N ARG B 37 -6.05 -8.33 12.07
CA ARG B 37 -6.44 -6.98 12.46
C ARG B 37 -7.73 -6.97 13.25
N ALA B 38 -8.67 -7.86 12.93
CA ALA B 38 -9.91 -7.89 13.68
C ALA B 38 -9.67 -8.38 15.10
N SER B 39 -8.94 -9.49 15.24
CA SER B 39 -8.51 -9.95 16.56
C SER B 39 -7.84 -8.82 17.38
N MET B 40 -6.94 -8.04 16.76
CA MET B 40 -6.29 -6.96 17.52
C MET B 40 -7.29 -5.86 17.90
N VAL B 41 -8.20 -5.50 16.99
CA VAL B 41 -9.23 -4.51 17.29
C VAL B 41 -10.10 -4.98 18.46
N HIS B 42 -10.57 -6.23 18.40
CA HIS B 42 -11.40 -6.74 19.48
C HIS B 42 -10.61 -6.89 20.77
N SER B 43 -9.42 -7.49 20.68
CA SER B 43 -8.62 -7.76 21.87
C SER B 43 -8.36 -6.50 22.67
N LEU B 44 -8.06 -5.40 21.99
CA LEU B 44 -7.85 -4.15 22.69
C LEU B 44 -9.16 -3.59 23.24
N ILE B 45 -10.27 -3.84 22.55
CA ILE B 45 -11.55 -3.36 23.06
C ILE B 45 -11.94 -4.14 24.32
N GLU B 46 -11.68 -5.45 24.31
CA GLU B 46 -11.91 -6.29 25.49
C GLU B 46 -10.91 -5.97 26.58
N ALA B 47 -9.65 -5.71 26.21
CA ALA B 47 -8.65 -5.28 27.19
C ALA B 47 -9.04 -4.01 27.91
N TYR B 48 -10.08 -3.34 27.46
CA TYR B 48 -10.52 -2.12 28.11
C TYR B 48 -11.83 -2.29 28.83
N ALA B 49 -12.42 -3.50 28.81
CA ALA B 49 -13.70 -3.82 29.42
C ALA B 49 -14.87 -3.18 28.68
N LEU B 50 -14.65 -2.59 27.51
CA LEU B 50 -15.67 -1.79 26.87
C LEU B 50 -16.85 -2.63 26.37
N HIS B 51 -16.61 -3.91 26.04
CA HIS B 51 -17.73 -4.77 25.67
C HIS B 51 -18.70 -4.98 26.84
N LYS B 52 -18.25 -4.79 28.07
CA LYS B 52 -19.13 -4.93 29.23
C LYS B 52 -20.25 -3.91 29.25
N GLN B 53 -20.15 -2.84 28.46
CA GLN B 53 -21.20 -1.85 28.36
C GLN B 53 -21.92 -1.88 27.02
N MET B 54 -21.73 -2.93 26.22
CA MET B 54 -22.42 -3.06 24.96
C MET B 54 -23.13 -4.40 24.91
N ARG B 55 -24.27 -4.42 24.22
CA ARG B 55 -25.01 -5.65 23.99
C ARG B 55 -24.34 -6.40 22.85
N ILE B 56 -23.66 -7.50 23.16
CA ILE B 56 -22.93 -8.26 22.16
C ILE B 56 -23.91 -9.12 21.40
N VAL B 57 -23.80 -9.12 20.07
CA VAL B 57 -24.75 -9.77 19.17
C VAL B 57 -23.95 -10.57 18.15
N LYS B 58 -24.13 -11.89 18.15
CA LYS B 58 -23.45 -12.70 17.15
C LYS B 58 -24.01 -12.38 15.75
N PRO B 59 -23.15 -12.28 14.74
CA PRO B 59 -23.63 -11.94 13.39
C PRO B 59 -24.08 -13.15 12.58
N LYS B 60 -25.20 -12.96 11.89
CA LYS B 60 -25.69 -13.94 10.94
C LYS B 60 -24.95 -13.80 9.61
N VAL B 61 -24.79 -14.91 8.92
CA VAL B 61 -24.20 -14.88 7.59
C VAL B 61 -25.26 -14.46 6.59
N ALA B 62 -24.85 -13.67 5.59
CA ALA B 62 -25.78 -13.24 4.55
C ALA B 62 -26.12 -14.37 3.61
N SER B 63 -27.39 -14.44 3.23
CA SER B 63 -27.85 -15.38 2.21
C SER B 63 -27.58 -14.81 0.81
N MET B 64 -27.66 -15.71 -0.16
CA MET B 64 -27.59 -15.27 -1.55
C MET B 64 -28.66 -14.21 -1.85
N GLU B 65 -29.86 -14.33 -1.28
CA GLU B 65 -30.88 -13.35 -1.60
C GLU B 65 -30.60 -12.02 -0.92
N GLU B 66 -30.01 -12.05 0.27
CA GLU B 66 -29.59 -10.82 0.92
C GLU B 66 -28.53 -10.09 0.09
N MET B 67 -27.52 -10.82 -0.38
CA MET B 67 -26.45 -10.20 -1.16
C MET B 67 -26.96 -9.77 -2.53
N ALA B 68 -27.97 -10.46 -3.06
CA ALA B 68 -28.60 -10.12 -4.32
C ALA B 68 -29.35 -8.79 -4.30
N THR B 69 -29.57 -8.21 -3.10
CA THR B 69 -30.25 -6.91 -2.99
C THR B 69 -29.45 -5.77 -3.62
N PHE B 70 -28.12 -5.87 -3.62
CA PHE B 70 -27.24 -4.95 -4.33
C PHE B 70 -26.50 -5.61 -5.48
N HIS B 71 -25.97 -6.79 -5.23
CA HIS B 71 -25.07 -7.45 -6.17
C HIS B 71 -25.85 -8.32 -7.17
N THR B 72 -25.31 -8.41 -8.38
CA THR B 72 -26.02 -9.10 -9.46
C THR B 72 -25.73 -10.59 -9.41
N ASP B 73 -26.58 -11.36 -10.10
CA ASP B 73 -26.49 -12.81 -10.05
C ASP B 73 -25.30 -13.34 -10.84
N ALA B 74 -25.01 -12.74 -11.98
CA ALA B 74 -23.82 -13.14 -12.73
C ALA B 74 -22.59 -12.98 -11.85
N TYR B 75 -22.45 -11.80 -11.25
CA TYR B 75 -21.33 -11.54 -10.35
C TYR B 75 -21.34 -12.50 -9.16
N LEU B 76 -22.48 -12.66 -8.48
CA LEU B 76 -22.49 -13.51 -7.29
C LEU B 76 -22.21 -14.97 -7.65
N GLN B 77 -22.78 -15.45 -8.77
CA GLN B 77 -22.55 -16.84 -9.17
C GLN B 77 -21.09 -17.08 -9.53
N HIS B 78 -20.46 -16.09 -10.19
CA HIS B 78 -19.06 -16.24 -10.55
C HIS B 78 -18.15 -16.10 -9.35
N LEU B 79 -18.53 -15.26 -8.38
CA LEU B 79 -17.78 -15.18 -7.13
C LEU B 79 -17.80 -16.50 -6.38
N GLN B 80 -18.99 -17.05 -6.15
CA GLN B 80 -19.11 -18.36 -5.52
C GLN B 80 -18.30 -19.40 -6.26
N LYS B 81 -18.41 -19.41 -7.60
CA LYS B 81 -17.65 -20.35 -8.41
C LYS B 81 -16.16 -20.26 -8.10
N VAL B 82 -15.59 -19.06 -8.27
CA VAL B 82 -14.15 -18.89 -8.12
C VAL B 82 -13.68 -19.14 -6.68
N SER B 83 -14.50 -18.80 -5.68
CA SER B 83 -14.11 -19.09 -4.30
C SER B 83 -14.23 -20.57 -3.99
N GLN B 84 -14.99 -21.32 -4.79
CA GLN B 84 -15.10 -22.76 -4.63
C GLN B 84 -14.10 -23.53 -5.50
N GLU B 85 -13.17 -22.83 -6.16
CA GLU B 85 -12.16 -23.47 -7.01
C GLU B 85 -11.05 -22.49 -7.37
N ASP B 88 -9.82 -19.61 -9.43
CA ASP B 88 -9.81 -20.20 -10.76
C ASP B 88 -8.99 -19.34 -11.74
N ASP B 89 -7.77 -19.80 -12.04
CA ASP B 89 -6.86 -19.06 -12.91
C ASP B 89 -6.55 -19.82 -14.20
N ILE B 94 -11.31 -12.32 -15.55
CA ILE B 94 -11.07 -10.89 -15.34
C ILE B 94 -12.32 -10.07 -15.65
N GLU B 95 -13.43 -10.75 -15.95
CA GLU B 95 -14.66 -10.05 -16.36
C GLU B 95 -15.22 -9.20 -15.23
N TYR B 96 -15.24 -9.72 -14.00
CA TYR B 96 -15.81 -9.03 -12.84
C TYR B 96 -14.73 -8.46 -11.93
N GLY B 97 -13.55 -8.17 -12.47
CA GLY B 97 -12.46 -7.61 -11.70
C GLY B 97 -11.84 -8.57 -10.73
N LEU B 98 -11.95 -9.87 -10.99
CA LEU B 98 -11.44 -10.88 -10.07
C LEU B 98 -9.93 -10.81 -9.89
N ALA B 104 -9.24 -13.30 -5.62
CA ALA B 104 -9.61 -14.39 -6.52
C ALA B 104 -9.44 -15.74 -5.82
N THR B 105 -8.80 -15.72 -4.65
CA THR B 105 -8.41 -16.93 -3.96
C THR B 105 -9.63 -17.72 -3.49
N GLU B 106 -9.36 -18.91 -2.94
CA GLU B 106 -10.42 -19.78 -2.47
C GLU B 106 -11.10 -19.18 -1.25
N GLY B 107 -12.39 -19.45 -1.12
CA GLY B 107 -13.13 -18.99 0.05
C GLY B 107 -13.44 -17.51 0.10
N ILE B 108 -13.10 -16.73 -0.93
CA ILE B 108 -13.41 -15.31 -0.92
C ILE B 108 -14.90 -15.08 -0.75
N PHE B 109 -15.72 -16.06 -1.11
CA PHE B 109 -17.16 -15.90 -1.03
C PHE B 109 -17.65 -16.00 0.40
N ASP B 110 -17.04 -16.87 1.20
CA ASP B 110 -17.41 -16.99 2.60
C ASP B 110 -17.07 -15.71 3.37
N TYR B 111 -15.90 -15.11 3.11
CA TYR B 111 -15.55 -13.83 3.72
C TYR B 111 -16.62 -12.79 3.45
N ALA B 112 -16.98 -12.65 2.17
CA ALA B 112 -17.97 -11.66 1.78
C ALA B 112 -19.28 -11.86 2.51
N ALA B 113 -19.76 -13.11 2.58
CA ALA B 113 -21.09 -13.36 3.13
C ALA B 113 -21.13 -13.10 4.63
N ALA B 114 -20.05 -13.43 5.35
CA ALA B 114 -19.99 -13.14 6.77
C ALA B 114 -19.98 -11.63 7.03
N ILE B 115 -19.18 -10.89 6.26
CA ILE B 115 -19.06 -9.46 6.50
C ILE B 115 -20.33 -8.73 6.07
N GLY B 116 -20.85 -9.07 4.88
CA GLY B 116 -22.19 -8.61 4.51
C GLY B 116 -23.24 -8.98 5.55
N GLY B 117 -23.19 -10.22 6.04
CA GLY B 117 -24.12 -10.61 7.10
C GLY B 117 -23.95 -9.82 8.37
N ALA B 118 -22.70 -9.56 8.77
CA ALA B 118 -22.47 -8.78 9.99
C ALA B 118 -23.11 -7.39 9.89
N THR B 119 -22.99 -6.75 8.73
CA THR B 119 -23.49 -5.39 8.61
C THR B 119 -25.02 -5.38 8.56
N ILE B 120 -25.62 -6.35 7.88
CA ILE B 120 -27.08 -6.44 7.87
C ILE B 120 -27.59 -6.75 9.28
N THR B 121 -26.89 -7.62 10.02
CA THR B 121 -27.29 -7.91 11.39
C THR B 121 -27.37 -6.63 12.21
N ALA B 122 -26.33 -5.80 12.12
CA ALA B 122 -26.35 -4.50 12.80
C ALA B 122 -27.50 -3.63 12.30
N ALA B 123 -27.69 -3.56 10.99
CA ALA B 123 -28.83 -2.81 10.45
C ALA B 123 -30.14 -3.28 11.04
N GLN B 124 -30.35 -4.61 11.07
CA GLN B 124 -31.60 -5.16 11.58
C GLN B 124 -31.82 -4.80 13.06
N CYS B 125 -30.74 -4.64 13.83
CA CYS B 125 -30.88 -4.19 15.21
C CYS B 125 -31.40 -2.76 15.28
N LEU B 126 -30.91 -1.89 14.41
CA LEU B 126 -31.41 -0.51 14.37
C LEU B 126 -32.87 -0.48 13.98
N ILE B 127 -33.30 -1.41 13.12
CA ILE B 127 -34.67 -1.43 12.64
C ILE B 127 -35.60 -1.89 13.75
N ASP B 128 -35.15 -2.85 14.57
CA ASP B 128 -35.98 -3.41 15.63
C ASP B 128 -35.94 -2.59 16.92
N GLY B 129 -35.39 -1.38 16.88
CA GLY B 129 -35.32 -0.54 18.06
C GLY B 129 -34.56 -1.17 19.22
N MET B 130 -33.87 -2.28 18.95
CA MET B 130 -33.02 -2.92 19.95
C MET B 130 -32.00 -1.93 20.51
N CYS B 131 -31.47 -1.05 19.66
CA CYS B 131 -30.44 -0.11 20.03
C CYS B 131 -30.55 1.09 19.09
N LYS B 132 -29.83 2.16 19.44
CA LYS B 132 -29.67 3.31 18.55
C LYS B 132 -28.31 3.38 17.87
N VAL B 133 -27.33 2.61 18.34
CA VAL B 133 -26.00 2.55 17.75
C VAL B 133 -25.60 1.08 17.62
N ALA B 134 -25.17 0.67 16.41
CA ALA B 134 -24.74 -0.69 16.13
C ALA B 134 -23.39 -0.64 15.41
N ILE B 135 -22.50 -1.59 15.75
CA ILE B 135 -21.08 -1.48 15.41
C ILE B 135 -20.58 -2.77 14.79
N ASN B 136 -20.05 -2.68 13.55
CA ASN B 136 -19.34 -3.78 12.86
C ASN B 136 -17.99 -3.22 12.36
N TRP B 137 -17.01 -3.16 13.28
CA TRP B 137 -15.72 -2.56 12.97
C TRP B 137 -15.00 -3.27 11.83
N SER B 138 -15.48 -4.43 11.42
CA SER B 138 -14.89 -5.20 10.34
C SER B 138 -15.63 -5.01 9.00
N GLY B 139 -16.58 -4.08 8.94
CA GLY B 139 -17.24 -3.74 7.70
C GLY B 139 -16.60 -2.55 7.03
N GLY B 140 -17.36 -1.93 6.12
CA GLY B 140 -16.92 -0.71 5.46
C GLY B 140 -16.25 -0.90 4.12
N TRP B 141 -16.49 -2.03 3.46
N TRP B 141 -16.49 -2.00 3.43
CA TRP B 141 -15.94 -2.36 2.15
CA TRP B 141 -15.75 -2.28 2.20
C TRP B 141 -16.56 -1.48 1.07
C TRP B 141 -16.41 -1.53 1.05
N HIS B 142 -16.21 -0.20 1.06
CA HIS B 142 -17.00 0.76 0.29
C HIS B 142 -16.68 0.82 -1.21
N HIS B 143 -15.79 0.00 -1.78
CA HIS B 143 -15.43 0.17 -3.18
C HIS B 143 -16.17 -0.75 -4.14
N ALA B 144 -16.76 -1.84 -3.66
CA ALA B 144 -17.37 -2.80 -4.58
C ALA B 144 -18.63 -2.23 -5.21
N LYS B 145 -18.83 -2.56 -6.47
CA LYS B 145 -20.02 -2.15 -7.20
C LYS B 145 -20.93 -3.36 -7.35
N LYS B 146 -22.08 -3.16 -7.99
CA LYS B 146 -23.10 -4.21 -8.03
C LYS B 146 -22.58 -5.47 -8.69
N ASP B 147 -21.65 -5.32 -9.64
CA ASP B 147 -21.18 -6.44 -10.43
C ASP B 147 -19.67 -6.42 -10.60
N GLU B 148 -18.95 -5.64 -9.80
CA GLU B 148 -17.51 -5.49 -10.00
C GLU B 148 -16.82 -5.34 -8.66
N ALA B 149 -15.87 -6.24 -8.41
CA ALA B 149 -14.96 -6.11 -7.28
C ALA B 149 -13.99 -4.96 -7.53
N SER B 150 -13.65 -4.23 -6.48
CA SER B 150 -12.84 -3.04 -6.63
C SER B 150 -12.14 -2.68 -5.31
N GLY B 151 -10.89 -2.24 -5.43
CA GLY B 151 -10.10 -1.86 -4.26
C GLY B 151 -10.10 -2.87 -3.13
N PHE B 152 -9.93 -4.16 -3.44
CA PHE B 152 -9.99 -5.27 -2.48
C PHE B 152 -11.34 -5.41 -1.81
N CYS B 153 -12.41 -4.90 -2.40
CA CYS B 153 -13.74 -5.13 -1.89
C CYS B 153 -14.46 -6.07 -2.83
N TYR B 154 -14.90 -7.21 -2.31
CA TYR B 154 -15.63 -8.16 -3.13
C TYR B 154 -17.13 -8.01 -2.97
N LEU B 155 -17.58 -7.41 -1.88
CA LEU B 155 -18.99 -7.24 -1.56
C LEU B 155 -19.11 -5.94 -0.80
N ASN B 156 -20.09 -5.12 -1.15
CA ASN B 156 -20.24 -3.84 -0.48
C ASN B 156 -21.23 -3.97 0.67
N ASP B 157 -20.72 -4.26 1.85
CA ASP B 157 -21.59 -4.42 3.02
C ASP B 157 -22.24 -3.11 3.43
N ALA B 158 -21.59 -1.98 3.18
CA ALA B 158 -22.19 -0.70 3.53
C ALA B 158 -23.46 -0.48 2.73
N VAL B 159 -23.37 -0.62 1.40
CA VAL B 159 -24.57 -0.59 0.58
C VAL B 159 -25.61 -1.54 1.15
N LEU B 160 -25.18 -2.74 1.55
CA LEU B 160 -26.14 -3.69 2.11
C LEU B 160 -26.75 -3.16 3.40
N GLY B 161 -25.93 -2.60 4.28
CA GLY B 161 -26.48 -1.97 5.48
C GLY B 161 -27.47 -0.87 5.16
N ILE B 162 -27.14 -0.01 4.18
CA ILE B 162 -28.06 1.05 3.77
C ILE B 162 -29.36 0.46 3.23
N LEU B 163 -29.28 -0.50 2.30
CA LEU B 163 -30.48 -1.08 1.71
C LEU B 163 -31.40 -1.69 2.75
N ARG B 164 -30.83 -2.33 3.78
CA ARG B 164 -31.66 -2.91 4.83
C ARG B 164 -32.33 -1.82 5.66
N LEU B 165 -31.56 -0.79 6.05
CA LEU B 165 -32.17 0.31 6.79
C LEU B 165 -33.24 1.02 5.97
N ARG B 166 -33.07 1.08 4.64
CA ARG B 166 -34.03 1.76 3.79
C ARG B 166 -35.40 1.10 3.79
N ARG B 167 -35.51 -0.12 4.32
CA ARG B 167 -36.82 -0.74 4.50
C ARG B 167 -37.65 -0.08 5.59
N LYS B 168 -37.01 0.60 6.53
CA LYS B 168 -37.73 1.26 7.62
C LYS B 168 -37.53 2.77 7.61
N PHE B 169 -36.37 3.27 7.19
CA PHE B 169 -36.06 4.69 7.28
C PHE B 169 -36.22 5.36 5.92
N GLU B 170 -36.81 6.55 5.94
CA GLU B 170 -37.20 7.20 4.69
C GLU B 170 -36.03 7.94 4.06
N ARG B 171 -35.05 8.33 4.85
CA ARG B 171 -33.87 9.05 4.40
C ARG B 171 -32.66 8.53 5.14
N ILE B 172 -31.64 8.13 4.41
CA ILE B 172 -30.39 7.65 4.98
C ILE B 172 -29.28 8.62 4.60
N LEU B 173 -28.46 8.99 5.58
CA LEU B 173 -27.21 9.70 5.34
C LEU B 173 -26.06 8.73 5.53
N TYR B 174 -25.18 8.67 4.53
CA TYR B 174 -23.94 7.91 4.59
C TYR B 174 -22.76 8.87 4.67
N VAL B 175 -21.91 8.70 5.69
CA VAL B 175 -20.72 9.52 5.89
C VAL B 175 -19.49 8.60 5.87
N ASP B 176 -18.55 8.89 4.98
CA ASP B 176 -17.40 8.06 4.69
C ASP B 176 -16.14 8.85 5.03
N LEU B 177 -15.55 8.55 6.19
CA LEU B 177 -14.37 9.28 6.66
C LEU B 177 -13.07 8.54 6.38
N ASP B 178 -13.14 7.46 5.61
CA ASP B 178 -11.98 6.73 5.12
C ASP B 178 -11.07 7.67 4.34
N LEU B 179 -9.78 7.31 4.29
CA LEU B 179 -8.85 8.04 3.44
C LEU B 179 -9.31 8.08 1.99
N HIS B 180 -10.02 7.04 1.53
CA HIS B 180 -10.39 6.88 0.14
C HIS B 180 -11.86 7.26 -0.11
N HIS B 181 -12.16 7.67 -1.35
CA HIS B 181 -13.52 8.01 -1.74
C HIS B 181 -14.43 6.78 -1.71
N GLY B 182 -15.53 6.86 -0.98
CA GLY B 182 -16.53 5.81 -1.04
C GLY B 182 -17.27 5.75 -2.38
N ASP B 183 -16.55 5.35 -3.45
CA ASP B 183 -17.09 5.35 -4.81
C ASP B 183 -18.17 4.28 -4.99
N GLY B 184 -17.95 3.09 -4.45
CA GLY B 184 -18.94 2.04 -4.59
C GLY B 184 -20.25 2.36 -3.89
N VAL B 185 -20.20 3.05 -2.75
CA VAL B 185 -21.43 3.42 -2.09
C VAL B 185 -22.12 4.55 -2.85
N GLU B 186 -21.34 5.47 -3.40
CA GLU B 186 -21.93 6.64 -4.07
C GLU B 186 -22.55 6.25 -5.40
N ASP B 187 -21.87 5.39 -6.17
CA ASP B 187 -22.47 4.78 -7.36
C ASP B 187 -23.83 4.18 -7.05
N ALA B 188 -23.85 3.21 -6.14
CA ALA B 188 -25.09 2.46 -5.91
C ALA B 188 -26.28 3.38 -5.64
N PHE B 189 -26.05 4.55 -5.05
CA PHE B 189 -27.15 5.45 -4.72
C PHE B 189 -27.13 6.74 -5.51
N SER B 190 -26.38 6.79 -6.61
CA SER B 190 -26.19 8.07 -7.25
C SER B 190 -27.46 8.60 -7.93
N PHE B 191 -28.46 7.74 -8.16
CA PHE B 191 -29.71 8.11 -8.80
C PHE B 191 -30.87 8.23 -7.81
N THR B 192 -30.61 8.20 -6.51
CA THR B 192 -31.68 8.43 -5.55
C THR B 192 -31.42 9.70 -4.75
N SER B 193 -32.51 10.37 -4.41
CA SER B 193 -32.52 11.47 -3.47
C SER B 193 -32.82 11.02 -2.05
N LYS B 194 -33.10 9.72 -1.86
CA LYS B 194 -33.47 9.25 -0.53
C LYS B 194 -32.28 8.81 0.31
N VAL B 195 -31.18 8.38 -0.32
CA VAL B 195 -29.92 8.09 0.36
C VAL B 195 -28.91 9.15 -0.06
N MET B 196 -28.30 9.82 0.92
CA MET B 196 -27.29 10.84 0.60
C MET B 196 -25.92 10.34 1.03
N THR B 197 -24.98 10.32 0.09
CA THR B 197 -23.59 9.99 0.39
C THR B 197 -22.78 11.27 0.59
N VAL B 198 -21.97 11.28 1.65
CA VAL B 198 -21.00 12.33 1.94
C VAL B 198 -19.67 11.64 2.20
N SER B 199 -18.64 11.99 1.41
CA SER B 199 -17.33 11.35 1.56
C SER B 199 -16.25 12.41 1.66
N LEU B 200 -15.43 12.32 2.71
CA LEU B 200 -14.21 13.11 2.80
C LEU B 200 -13.03 12.20 2.50
N HIS B 201 -12.19 12.58 1.56
CA HIS B 201 -11.17 11.67 1.07
C HIS B 201 -10.03 12.44 0.42
N LYS B 202 -8.87 11.78 0.37
CA LYS B 202 -7.75 12.30 -0.40
C LYS B 202 -8.10 12.24 -1.87
N PHE B 203 -7.83 13.34 -2.57
CA PHE B 203 -8.13 13.43 -3.99
C PHE B 203 -6.97 14.11 -4.67
N SER B 204 -6.39 13.44 -5.64
CA SER B 204 -5.15 13.88 -6.24
C SER B 204 -4.89 12.98 -7.45
N PRO B 205 -4.36 13.52 -8.53
CA PRO B 205 -4.16 12.67 -9.71
C PRO B 205 -3.16 11.56 -9.41
N GLY B 206 -3.59 10.32 -9.67
CA GLY B 206 -2.83 9.14 -9.33
C GLY B 206 -3.40 8.37 -8.16
N PHE B 207 -4.16 9.01 -7.28
CA PHE B 207 -4.56 8.41 -6.01
C PHE B 207 -5.91 7.68 -6.09
N PHE B 208 -5.92 6.45 -5.58
CA PHE B 208 -7.07 5.56 -5.73
C PHE B 208 -8.24 6.08 -4.91
N PRO B 209 -9.48 5.96 -5.43
CA PRO B 209 -9.82 5.34 -6.73
C PRO B 209 -9.84 6.31 -7.93
N GLY B 210 -9.55 7.58 -7.70
CA GLY B 210 -9.43 8.55 -8.77
C GLY B 210 -10.61 9.50 -8.89
N THR B 211 -11.77 9.13 -8.34
CA THR B 211 -13.02 9.85 -8.47
C THR B 211 -13.28 10.66 -7.20
N GLY B 212 -14.39 11.39 -7.17
CA GLY B 212 -14.78 12.08 -5.96
C GLY B 212 -14.33 13.52 -5.87
N ASP B 213 -14.07 14.15 -6.99
CA ASP B 213 -13.93 15.60 -7.03
C ASP B 213 -15.22 16.27 -6.56
N VAL B 214 -15.10 17.55 -6.16
CA VAL B 214 -16.21 18.29 -5.55
C VAL B 214 -17.40 18.40 -6.49
N SER B 215 -17.16 18.28 -7.80
CA SER B 215 -18.16 18.41 -8.83
C SER B 215 -19.06 17.19 -8.97
N ASP B 216 -18.69 16.07 -8.35
CA ASP B 216 -19.54 14.88 -8.40
C ASP B 216 -20.69 15.04 -7.41
N VAL B 217 -21.90 15.07 -7.93
CA VAL B 217 -23.04 15.40 -7.10
C VAL B 217 -24.13 14.37 -7.34
N GLY B 218 -23.82 13.32 -8.08
CA GLY B 218 -24.82 12.35 -8.44
C GLY B 218 -25.49 12.67 -9.78
N LEU B 219 -26.34 11.75 -10.21
CA LEU B 219 -26.97 11.82 -11.52
C LEU B 219 -28.48 11.67 -11.42
N GLY B 220 -29.18 12.25 -12.40
CA GLY B 220 -30.64 12.10 -12.46
C GLY B 220 -31.29 12.75 -11.26
N LYS B 221 -32.32 12.09 -10.72
CA LYS B 221 -32.96 12.59 -9.52
C LYS B 221 -32.01 12.59 -8.33
N GLY B 222 -30.86 11.91 -8.44
CA GLY B 222 -29.87 11.99 -7.40
C GLY B 222 -28.95 13.17 -7.47
N ARG B 223 -29.08 14.03 -8.48
CA ARG B 223 -28.19 15.19 -8.58
C ARG B 223 -28.25 16.01 -7.29
N TYR B 224 -27.07 16.37 -6.77
CA TYR B 224 -26.80 17.09 -5.53
C TYR B 224 -26.92 16.20 -4.29
N TYR B 225 -27.19 14.91 -4.44
CA TYR B 225 -27.31 14.01 -3.31
C TYR B 225 -26.12 13.08 -3.17
N SER B 226 -25.07 13.32 -3.94
CA SER B 226 -23.70 12.93 -3.64
C SER B 226 -22.93 14.16 -3.20
N VAL B 227 -22.23 14.06 -2.07
CA VAL B 227 -21.37 15.14 -1.58
C VAL B 227 -19.94 14.59 -1.49
N ASN B 228 -19.01 15.28 -2.14
CA ASN B 228 -17.61 14.89 -2.10
C ASN B 228 -16.76 16.09 -1.67
N VAL B 229 -15.82 15.83 -0.77
CA VAL B 229 -14.90 16.85 -0.27
C VAL B 229 -13.47 16.42 -0.53
N PRO B 230 -12.88 16.80 -1.65
CA PRO B 230 -11.49 16.45 -1.90
C PRO B 230 -10.54 17.20 -0.97
N ILE B 231 -9.54 16.49 -0.48
CA ILE B 231 -8.62 16.99 0.54
C ILE B 231 -7.22 16.53 0.16
N GLN B 232 -6.21 17.34 0.53
CA GLN B 232 -4.83 17.03 0.17
C GLN B 232 -4.08 16.44 1.36
N ASP B 233 -2.81 16.16 1.13
CA ASP B 233 -1.98 15.49 2.13
C ASP B 233 -1.76 16.33 3.38
N GLY B 234 -1.76 15.66 4.52
CA GLY B 234 -1.25 16.28 5.71
C GLY B 234 -2.26 16.98 6.58
N ILE B 235 -3.55 16.96 6.24
CA ILE B 235 -4.51 17.64 7.09
C ILE B 235 -4.49 17.03 8.50
N GLN B 236 -4.70 17.88 9.51
CA GLN B 236 -4.69 17.47 10.92
C GLN B 236 -6.06 17.67 11.56
N ASP B 237 -6.19 17.16 12.79
CA ASP B 237 -7.46 17.07 13.50
C ASP B 237 -8.31 18.34 13.40
N GLU B 238 -7.75 19.49 13.80
CA GLU B 238 -8.55 20.70 13.89
C GLU B 238 -9.13 21.10 12.53
N LYS B 239 -8.29 21.16 11.50
CA LYS B 239 -8.79 21.57 10.19
C LYS B 239 -9.83 20.58 9.68
N TYR B 240 -9.56 19.28 9.86
CA TYR B 240 -10.51 18.25 9.42
C TYR B 240 -11.85 18.39 10.12
N TYR B 241 -11.85 18.64 11.42
CA TYR B 241 -13.12 18.74 12.13
C TYR B 241 -13.91 19.97 11.68
N GLN B 242 -13.24 21.04 11.30
CA GLN B 242 -13.97 22.21 10.81
C GLN B 242 -14.60 21.93 9.45
N ILE B 243 -13.84 21.33 8.53
CA ILE B 243 -14.40 20.94 7.24
C ILE B 243 -15.57 19.99 7.43
N CYS B 244 -15.37 18.95 8.24
CA CYS B 244 -16.43 17.95 8.43
C CYS B 244 -17.66 18.56 9.11
N GLU B 245 -17.44 19.35 10.17
CA GLU B 245 -18.60 19.88 10.87
C GLU B 245 -19.34 20.88 10.01
N SER B 246 -18.61 21.64 9.20
CA SER B 246 -19.24 22.55 8.28
C SER B 246 -20.19 21.81 7.37
N VAL B 247 -19.67 20.86 6.60
CA VAL B 247 -20.49 20.14 5.63
C VAL B 247 -21.66 19.46 6.31
N LEU B 248 -21.40 18.77 7.42
CA LEU B 248 -22.47 18.02 8.07
C LEU B 248 -23.54 18.92 8.63
N LYS B 249 -23.19 20.18 8.92
CA LYS B 249 -24.21 21.13 9.38
C LYS B 249 -25.18 21.46 8.27
N GLU B 250 -24.65 21.86 7.10
CA GLU B 250 -25.50 22.17 5.95
C GLU B 250 -26.24 20.95 5.44
N VAL B 251 -25.59 19.79 5.50
CA VAL B 251 -26.19 18.55 5.02
C VAL B 251 -27.33 18.12 5.91
N TYR B 252 -27.16 18.25 7.22
CA TYR B 252 -28.21 17.85 8.15
C TYR B 252 -29.45 18.71 7.98
N GLN B 253 -29.27 20.01 7.76
CA GLN B 253 -30.41 20.91 7.61
C GLN B 253 -31.07 20.72 6.26
N ALA B 254 -30.27 20.60 5.20
CA ALA B 254 -30.84 20.43 3.87
C ALA B 254 -31.54 19.09 3.70
N PHE B 255 -31.05 18.04 4.36
CA PHE B 255 -31.46 16.66 4.06
C PHE B 255 -32.37 16.04 5.11
N ASN B 256 -32.25 16.48 6.36
CA ASN B 256 -32.98 15.90 7.50
C ASN B 256 -32.98 14.37 7.48
N PRO B 257 -31.85 13.73 7.73
CA PRO B 257 -31.83 12.26 7.70
C PRO B 257 -32.68 11.67 8.80
N LYS B 258 -33.10 10.42 8.59
CA LYS B 258 -33.78 9.64 9.61
C LYS B 258 -32.87 8.62 10.25
N ALA B 259 -31.83 8.19 9.55
CA ALA B 259 -30.80 7.33 10.12
C ALA B 259 -29.48 7.56 9.38
N VAL B 260 -28.40 7.08 9.98
CA VAL B 260 -27.04 7.40 9.55
C VAL B 260 -26.22 6.13 9.47
N VAL B 261 -25.44 6.02 8.40
CA VAL B 261 -24.44 4.98 8.21
C VAL B 261 -23.09 5.67 8.08
N LEU B 262 -22.15 5.31 8.96
CA LEU B 262 -20.89 6.01 9.14
C LEU B 262 -19.71 5.05 8.94
N GLN B 263 -18.80 5.40 8.04
CA GLN B 263 -17.65 4.57 7.71
C GLN B 263 -16.41 5.24 8.28
N LEU B 264 -15.72 4.56 9.20
CA LEU B 264 -14.58 5.19 9.87
C LEU B 264 -13.24 4.51 9.57
N GLY B 265 -12.91 4.31 8.31
CA GLY B 265 -11.59 3.83 7.93
C GLY B 265 -10.46 4.61 8.58
N ALA B 266 -9.49 3.88 9.15
CA ALA B 266 -8.41 4.44 9.98
C ALA B 266 -7.15 4.75 9.19
N ASP B 267 -7.15 4.58 7.87
CA ASP B 267 -5.97 4.92 7.09
C ASP B 267 -5.78 6.42 6.89
N THR B 268 -6.48 7.23 7.69
CA THR B 268 -6.22 8.68 7.78
C THR B 268 -5.32 9.03 8.94
N ILE B 269 -5.03 8.08 9.83
CA ILE B 269 -4.31 8.32 11.07
C ILE B 269 -2.81 8.41 10.83
N ALA B 270 -2.16 9.39 11.44
CA ALA B 270 -0.70 9.45 11.49
C ALA B 270 -0.10 8.08 11.77
N GLY B 271 0.85 7.67 10.93
CA GLY B 271 1.49 6.39 11.11
C GLY B 271 0.91 5.28 10.25
N ASP B 272 -0.19 5.52 9.56
CA ASP B 272 -0.63 4.56 8.57
C ASP B 272 0.39 4.51 7.44
N PRO B 273 0.68 3.32 6.89
CA PRO B 273 1.61 3.27 5.77
C PRO B 273 1.21 4.16 4.60
N MET B 274 -0.10 4.38 4.40
CA MET B 274 -0.57 5.31 3.38
C MET B 274 0.09 6.68 3.52
N CYS B 275 0.40 7.08 4.75
CA CYS B 275 1.21 8.27 5.01
C CYS B 275 0.66 9.49 4.25
N SER B 276 -0.66 9.68 4.35
CA SER B 276 -1.28 10.77 3.60
C SER B 276 -1.82 11.84 4.55
N PHE B 277 -2.97 11.60 5.15
CA PHE B 277 -3.48 12.52 6.14
C PHE B 277 -2.62 12.46 7.40
N ASN B 278 -2.95 13.29 8.38
CA ASN B 278 -2.19 13.37 9.62
C ASN B 278 -3.14 13.52 10.80
N MET B 279 -4.10 12.61 10.88
CA MET B 279 -5.15 12.69 11.89
C MET B 279 -4.75 11.90 13.13
N THR B 280 -5.41 12.21 14.23
CA THR B 280 -5.45 11.30 15.36
C THR B 280 -6.89 10.91 15.59
N PRO B 281 -7.15 9.85 16.38
CA PRO B 281 -8.56 9.51 16.69
C PRO B 281 -9.35 10.64 17.36
N VAL B 282 -8.69 11.58 18.04
CA VAL B 282 -9.38 12.73 18.63
C VAL B 282 -10.11 13.53 17.55
N GLY B 283 -9.45 13.75 16.41
CA GLY B 283 -10.12 14.41 15.30
C GLY B 283 -11.34 13.66 14.84
N ILE B 284 -11.16 12.38 14.50
CA ILE B 284 -12.29 11.56 14.06
C ILE B 284 -13.36 11.49 15.14
N GLY B 285 -12.95 11.41 16.40
CA GLY B 285 -13.91 11.26 17.48
C GLY B 285 -14.82 12.47 17.63
N LYS B 286 -14.26 13.67 17.40
CA LYS B 286 -15.06 14.89 17.45
C LYS B 286 -16.13 14.89 16.36
N CYS B 287 -15.76 14.46 15.14
CA CYS B 287 -16.72 14.24 14.07
C CYS B 287 -17.79 13.22 14.49
N LEU B 288 -17.38 12.08 15.04
CA LEU B 288 -18.34 11.07 15.48
C LEU B 288 -19.29 11.63 16.53
N LYS B 289 -18.74 12.36 17.51
CA LYS B 289 -19.58 12.91 18.56
C LYS B 289 -20.64 13.84 17.97
N TYR B 290 -20.24 14.70 17.02
CA TYR B 290 -21.19 15.58 16.36
C TYR B 290 -22.29 14.80 15.64
N ILE B 291 -21.95 13.65 15.06
CA ILE B 291 -22.95 12.84 14.38
C ILE B 291 -23.84 12.12 15.38
N LEU B 292 -23.25 11.64 16.49
CA LEU B 292 -24.05 10.98 17.52
C LEU B 292 -24.99 11.97 18.19
N GLN B 293 -24.65 13.25 18.16
CA GLN B 293 -25.45 14.26 18.83
C GLN B 293 -26.81 14.43 18.15
N TRP B 294 -26.90 14.14 16.85
CA TRP B 294 -28.19 14.08 16.16
C TRP B 294 -29.16 13.09 16.78
N GLN B 295 -28.66 12.15 17.59
CA GLN B 295 -29.49 11.13 18.22
C GLN B 295 -30.28 10.31 17.21
N LEU B 296 -29.74 10.11 16.01
CA LEU B 296 -30.38 9.26 15.02
C LEU B 296 -29.89 7.83 15.18
N ALA B 297 -30.59 6.91 14.52
CA ALA B 297 -30.11 5.54 14.43
C ALA B 297 -28.84 5.52 13.58
N THR B 298 -27.78 4.91 14.10
CA THR B 298 -26.45 5.05 13.50
C THR B 298 -25.75 3.69 13.43
N LEU B 299 -25.36 3.30 12.22
CA LEU B 299 -24.66 2.04 12.00
C LEU B 299 -23.18 2.35 11.76
N ILE B 300 -22.33 1.88 12.68
CA ILE B 300 -20.91 2.19 12.68
C ILE B 300 -20.18 1.06 11.97
N LEU B 301 -19.33 1.41 11.00
CA LEU B 301 -18.50 0.46 10.30
C LEU B 301 -17.05 0.93 10.30
N GLY B 302 -16.15 -0.01 10.05
CA GLY B 302 -14.73 0.30 10.00
C GLY B 302 -14.31 0.62 8.58
N GLY B 303 -13.27 -0.02 8.11
CA GLY B 303 -12.81 0.23 6.76
C GLY B 303 -11.32 -0.01 6.66
N GLY B 304 -10.66 0.90 5.94
CA GLY B 304 -9.21 0.93 5.80
C GLY B 304 -8.53 1.08 7.15
N GLY B 305 -7.20 1.11 7.14
CA GLY B 305 -6.45 1.12 8.38
C GLY B 305 -5.40 0.04 8.33
N TYR B 306 -4.14 0.44 8.09
CA TYR B 306 -3.11 -0.50 7.75
C TYR B 306 -1.89 -0.47 8.67
N ASN B 307 -1.83 0.45 9.63
CA ASN B 307 -0.99 0.28 10.81
C ASN B 307 -1.88 -0.41 11.82
N LEU B 308 -1.64 -1.70 12.05
CA LEU B 308 -2.60 -2.53 12.77
C LEU B 308 -2.87 -1.99 14.17
N ALA B 309 -1.81 -1.81 14.97
CA ALA B 309 -1.95 -1.32 16.34
C ALA B 309 -2.62 0.03 16.39
N ASN B 310 -2.28 0.92 15.46
CA ASN B 310 -2.95 2.22 15.43
C ASN B 310 -4.43 2.08 15.09
N THR B 311 -4.78 1.21 14.14
CA THR B 311 -6.19 0.97 13.85
C THR B 311 -6.93 0.48 15.10
N ALA B 312 -6.30 -0.39 15.90
CA ALA B 312 -6.93 -0.81 17.14
C ALA B 312 -7.06 0.37 18.10
N ARG B 313 -6.00 1.18 18.21
CA ARG B 313 -6.08 2.35 19.07
C ARG B 313 -7.25 3.24 18.67
N CYS B 314 -7.39 3.47 17.36
CA CYS B 314 -8.43 4.38 16.89
C CYS B 314 -9.82 3.84 17.19
N TRP B 315 -10.07 2.57 16.89
CA TRP B 315 -11.45 2.10 16.98
C TRP B 315 -11.84 1.80 18.41
N THR B 316 -10.87 1.42 19.26
CA THR B 316 -11.11 1.40 20.69
C THR B 316 -11.50 2.78 21.20
N TYR B 317 -10.72 3.80 20.85
CA TYR B 317 -11.08 5.16 21.26
C TYR B 317 -12.42 5.60 20.70
N LEU B 318 -12.70 5.25 19.44
CA LEU B 318 -13.97 5.64 18.87
C LEU B 318 -15.10 4.97 19.63
N THR B 319 -14.85 3.73 20.10
CA THR B 319 -15.85 3.00 20.88
C THR B 319 -16.20 3.73 22.16
N ARG B 320 -15.19 4.22 22.88
CA ARG B 320 -15.48 4.89 24.13
C ARG B 320 -16.03 6.28 23.92
N VAL B 321 -15.80 6.90 22.75
CA VAL B 321 -16.55 8.11 22.43
C VAL B 321 -18.04 7.79 22.30
N ILE B 322 -18.39 6.67 21.64
CA ILE B 322 -19.77 6.20 21.58
C ILE B 322 -20.28 5.88 22.97
N LEU B 323 -19.47 5.19 23.76
CA LEU B 323 -19.93 4.77 25.08
C LEU B 323 -19.81 5.86 26.12
N GLY B 324 -19.04 6.91 25.84
CA GLY B 324 -18.86 7.98 26.80
C GLY B 324 -17.97 7.66 27.97
N LYS B 325 -17.33 6.48 27.98
CA LYS B 325 -16.44 6.07 29.05
C LYS B 325 -15.09 6.76 28.92
N THR B 326 -14.26 6.60 29.95
CA THR B 326 -12.92 7.15 29.95
C THR B 326 -11.93 6.00 29.95
N LEU B 327 -10.78 6.21 29.30
CA LEU B 327 -9.82 5.13 29.08
C LEU B 327 -8.44 5.56 29.53
N SER B 328 -7.73 4.65 30.19
CA SER B 328 -6.36 4.91 30.60
C SER B 328 -5.47 5.08 29.37
N SER B 329 -4.56 6.05 29.44
CA SER B 329 -3.59 6.24 28.37
C SER B 329 -2.64 5.07 28.22
N GLU B 330 -2.42 4.29 29.27
CA GLU B 330 -1.51 3.15 29.20
C GLU B 330 -2.25 1.98 28.56
N ILE B 331 -1.60 1.31 27.62
CA ILE B 331 -2.22 0.16 26.95
C ILE B 331 -2.26 -1.02 27.92
N PRO B 332 -3.41 -1.68 28.08
CA PRO B 332 -3.47 -2.85 28.98
C PRO B 332 -2.67 -4.01 28.41
N ASP B 333 -2.22 -4.90 29.29
CA ASP B 333 -1.61 -6.14 28.83
C ASP B 333 -2.68 -7.01 28.17
N HIS B 334 -2.33 -7.67 27.07
CA HIS B 334 -3.22 -8.60 26.37
C HIS B 334 -2.40 -9.32 25.31
N GLU B 335 -3.07 -10.07 24.44
CA GLU B 335 -2.38 -10.92 23.47
C GLU B 335 -1.37 -10.15 22.65
N PHE B 336 -1.74 -8.95 22.19
CA PHE B 336 -0.96 -8.22 21.21
C PHE B 336 -0.20 -7.05 21.82
N PHE B 337 -0.04 -7.05 23.16
CA PHE B 337 0.63 -5.94 23.84
C PHE B 337 1.96 -5.58 23.19
N THR B 338 2.69 -6.57 22.68
CA THR B 338 4.02 -6.30 22.12
C THR B 338 3.96 -5.35 20.93
N ALA B 339 2.84 -5.36 20.18
CA ALA B 339 2.72 -4.54 18.97
C ALA B 339 2.63 -3.05 19.27
N TYR B 340 2.49 -2.66 20.53
CA TYR B 340 2.19 -1.28 20.87
C TYR B 340 3.42 -0.48 21.26
N GLY B 341 4.61 -1.03 21.09
CA GLY B 341 5.81 -0.29 21.32
C GLY B 341 5.98 0.84 20.31
N PRO B 342 6.92 1.76 20.59
CA PRO B 342 7.79 1.64 21.75
C PRO B 342 7.22 2.33 22.98
N ASP B 343 6.08 3.03 22.84
CA ASP B 343 5.59 3.85 23.93
C ASP B 343 4.39 3.28 24.66
N TYR B 344 3.73 2.24 24.11
CA TYR B 344 2.74 1.44 24.85
C TYR B 344 1.60 2.29 25.43
N VAL B 345 1.28 3.40 24.76
CA VAL B 345 0.16 4.23 25.13
C VAL B 345 -0.87 4.21 24.00
N LEU B 346 -2.04 4.82 24.28
CA LEU B 346 -3.19 4.88 23.37
C LEU B 346 -3.11 6.06 22.41
N GLU B 347 -2.66 7.21 22.90
CA GLU B 347 -2.62 8.41 22.07
C GLU B 347 -1.68 8.24 20.89
N ILE B 348 -2.04 8.85 19.76
CA ILE B 348 -1.25 8.84 18.53
C ILE B 348 -0.77 10.28 18.28
N THR B 349 0.51 10.43 17.88
CA THR B 349 1.10 11.74 17.69
C THR B 349 1.20 12.06 16.20
N PRO B 350 0.71 13.22 15.75
CA PRO B 350 0.81 13.55 14.32
C PRO B 350 2.26 13.60 13.87
N SER B 351 2.49 13.20 12.62
CA SER B 351 3.82 13.26 12.06
C SER B 351 4.22 14.70 11.75
N CYS B 352 5.52 14.96 11.78
N CYS B 352 5.52 14.96 11.78
CA CYS B 352 6.06 16.28 11.44
CA CYS B 352 6.04 16.29 11.44
C CYS B 352 6.08 16.42 9.91
C CYS B 352 6.08 16.43 9.91
N ARG B 353 4.87 16.53 9.35
CA ARG B 353 4.67 16.65 7.90
C ARG B 353 3.83 17.88 7.60
N PRO B 354 4.07 18.54 6.47
CA PRO B 354 3.30 19.76 6.17
C PRO B 354 1.87 19.45 5.79
N ASP B 355 0.96 20.34 6.21
CA ASP B 355 -0.44 20.32 5.77
C ASP B 355 -0.53 20.96 4.39
N ARG B 356 -0.73 20.13 3.36
CA ARG B 356 -0.75 20.61 1.97
C ARG B 356 -2.10 21.25 1.56
N ASN B 357 -2.99 21.55 2.51
CA ASN B 357 -4.31 22.14 2.21
C ASN B 357 -4.34 23.67 2.38
N GLU B 358 -4.11 24.39 1.27
CA GLU B 358 -4.20 25.85 1.27
C GLU B 358 -5.64 26.28 1.56
N PRO B 359 -5.86 27.11 2.60
CA PRO B 359 -7.23 27.39 3.06
C PRO B 359 -8.19 28.01 2.03
N HIS B 360 -7.70 28.79 1.06
CA HIS B 360 -8.62 29.29 0.04
C HIS B 360 -9.25 28.15 -0.72
N ARG B 361 -8.44 27.15 -1.10
CA ARG B 361 -8.96 25.94 -1.72
C ARG B 361 -10.09 25.34 -0.88
N ILE B 362 -9.88 25.26 0.44
CA ILE B 362 -10.91 24.68 1.30
C ILE B 362 -12.19 25.49 1.24
N GLN B 363 -12.07 26.83 1.20
CA GLN B 363 -13.24 27.69 1.11
C GLN B 363 -13.98 27.46 -0.20
N GLN B 364 -13.26 27.49 -1.33
CA GLN B 364 -13.86 27.26 -2.64
C GLN B 364 -14.66 25.95 -2.67
N ILE B 365 -14.17 24.91 -1.99
CA ILE B 365 -14.87 23.61 -2.00
C ILE B 365 -16.16 23.69 -1.19
N LEU B 366 -16.11 24.27 0.03
CA LEU B 366 -17.32 24.40 0.82
C LEU B 366 -18.35 25.30 0.15
N ASN B 367 -17.89 26.44 -0.38
CA ASN B 367 -18.76 27.31 -1.17
C ASN B 367 -19.51 26.50 -2.21
N TYR B 368 -18.81 25.59 -2.90
CA TYR B 368 -19.44 24.74 -3.91
C TYR B 368 -20.50 23.84 -3.27
N ILE B 369 -20.16 23.22 -2.14
CA ILE B 369 -21.08 22.29 -1.51
C ILE B 369 -22.30 23.02 -0.97
N LYS B 370 -22.10 24.23 -0.43
CA LYS B 370 -23.26 25.02 0.00
C LYS B 370 -24.18 25.31 -1.18
N GLY B 371 -23.62 25.60 -2.35
CA GLY B 371 -24.47 25.90 -3.50
C GLY B 371 -25.26 24.71 -3.96
N ASN B 372 -24.65 23.51 -3.90
CA ASN B 372 -25.32 22.28 -4.28
C ASN B 372 -26.45 21.96 -3.31
N LEU B 373 -26.24 22.24 -2.04
CA LEU B 373 -27.22 21.91 -1.02
C LEU B 373 -28.45 22.82 -1.07
N LYS B 374 -28.35 24.01 -1.68
CA LYS B 374 -29.53 24.85 -1.79
C LYS B 374 -30.61 24.17 -2.62
N HIS B 375 -30.20 23.42 -3.65
CA HIS B 375 -31.12 22.60 -4.44
C HIS B 375 -31.80 21.50 -3.63
N VAL B 376 -31.32 21.19 -2.44
CA VAL B 376 -31.86 20.06 -1.70
C VAL B 376 -32.93 20.58 -0.76
O23 B3N C . 2.94 0.64 2.36
C13 B3N C . 2.40 -0.27 2.99
C14 B3N C . 1.01 -0.73 2.63
C15 B3N C . 0.43 -1.75 3.36
C16 B3N C . -0.86 -2.18 3.03
C17 B3N C . -1.55 -1.59 1.98
N20 B3N C . -2.81 -2.00 1.66
C22 B3N C . -3.42 -3.09 2.42
C21 B3N C . -3.54 -1.39 0.57
C18 B3N C . -0.96 -0.56 1.25
C19 B3N C . 0.33 -0.14 1.58
N12 B3N C . 3.03 -0.86 4.00
C10 B3N C . 4.38 -0.48 4.43
C9 B3N C . 5.35 -1.44 3.75
C8 B3N C . 5.79 -0.88 2.41
C7 B3N C . 6.76 -1.84 1.73
C6 B3N C . 6.62 -1.76 0.22
C5 B3N C . 7.64 -2.69 -0.41
C1 B3N C . 8.63 -1.94 -1.28
O2 B3N C . 8.28 -1.41 -2.34
N3 B3N C . 9.87 -1.91 -0.81
O4 B3N C . 10.86 -1.25 -1.54
ZN ZN D . 9.67 0.01 -2.88
K K E . 15.96 3.48 -3.17
K K F . 29.00 0.26 3.50
O23 B3N G . -2.80 1.14 -2.80
C13 B3N G . -2.80 0.03 -3.32
C14 B3N G . -1.64 -0.90 -3.01
C15 B3N G . -1.51 -2.20 -3.52
C16 B3N G . -0.39 -2.98 -3.17
C17 B3N G . 0.59 -2.46 -2.32
N20 B3N G . 1.69 -3.17 -1.94
C22 B3N G . 1.92 -4.53 -2.40
C21 B3N G . 2.65 -2.55 -1.03
C18 B3N G . 0.44 -1.18 -1.81
C19 B3N G . -0.67 -0.41 -2.16
N12 B3N G . -3.82 -0.32 -4.12
C10 B3N G . -4.94 0.56 -4.46
C9 B3N G . -6.14 0.11 -3.66
C8 B3N G . -6.26 0.90 -2.38
C7 B3N G . -7.01 0.08 -1.35
C6 B3N G . -8.30 0.74 -0.89
C5 B3N G . -8.65 0.13 0.46
C1 B3N G . -9.22 1.23 1.31
O2 B3N G . -8.68 1.55 2.36
N3 B3N G . -10.31 1.80 0.80
O4 B3N G . -10.97 2.82 1.46
ZN ZN H . -9.15 3.54 2.54
K K I . -13.94 8.78 2.52
K K J . -27.68 9.77 -3.61
#